data_6X48
#
_entry.id   6X48
#
_cell.length_a   162.350
_cell.length_b   78.490
_cell.length_c   111.220
_cell.angle_alpha   90.000
_cell.angle_beta   127.230
_cell.angle_gamma   90.000
#
_symmetry.space_group_name_H-M   'C 1 2 1'
#
loop_
_entity.id
_entity.type
_entity.pdbx_description
1 polymer Sortilin
2 branched alpha-D-mannopyranose-(1-6)-beta-D-mannopyranose-(1-4)-2-acetamido-2-deoxy-beta-D-glucopyranose-(1-4)-2-acetamido-2-deoxy-beta-D-glucopyranose
3 branched beta-D-mannopyranose-(1-4)-2-acetamido-2-deoxy-beta-D-glucopyranose-(1-4)-2-acetamido-2-deoxy-beta-D-glucopyranose
4 non-polymer N-(3,5-dichlorobenzene-1-carbonyl)-5,5-dimethyl-L-norleucine
5 non-polymer 'UNKNOWN LIGAND'
6 non-polymer GLYCEROL
7 water water
#
_entity_poly.entity_id   1
_entity_poly.type   'polypeptide(L)'
_entity_poly.pdbx_seq_one_letter_code
;CGRVRDFVAKLANNTHQHVFDDLRGSVSLSWVGDSTGVILVLTTFHVPLVIMTFGQSKLYRSEDYGKNFKDITDLINNTF
IRTEFGMAIGPENSGKVVLTAEVSGGSRGGRIFRSSDFAKNFVQTDLPFHPLTQMMYSPQNSDYLLALSTENGLWVSKNF
GGKWEEIHKAVCLAKWGSDNTIFFTTYANGSCKADLGALELWRTSDLGKSFKTIGVKIYSFGLGGRFLFASVMADKDTTR
RIHVSTDQGDTWSMAQLPSVGQEQFYSILAANDDMVFMHVDEPGDTGFGTIFTSDDRGIVYSKSLDRHLYTTTGGETDFT
NVTSLRGVYITSVLSEDNSIQTMITFDQGGRWTHLRKPENSECDATAKNKNECSLHIHASYSISQKLNVPMAPLSEPNAV
GIVIAHGSVGDAISVMVPDVYISDDGGYSWTKMLEGPHYYTILDSGGIIVAIEHSSRPINVIKFSTDEGQCWQTYTFTRD
PIYFTGLASEPGARSMNISIWGFTESFLTSQWVSYTIDFKDILERNCEEKDYTIWLAHSTDPEDYEDGCILGYKEQFLRL
RKSSMCQNGRDYVVTKQPSICLCSLEDFLCDFGYYRPENDSKCVEQPELKGHDLEFCLYGREEHLTTNGYRKIPGDKCQG
GVNPVREVKDLKKKCTSNFLSPE
;
_entity_poly.pdbx_strand_id   A
#
# COMPACT_ATOMS: atom_id res chain seq x y z
N CYS A 1 -33.84 16.22 -3.59
CA CYS A 1 -33.16 15.57 -2.47
C CYS A 1 -32.33 16.56 -1.62
N GLY A 2 -31.13 16.90 -2.08
CA GLY A 2 -30.23 17.82 -1.37
C GLY A 2 -28.97 18.20 -2.12
N ARG A 3 -28.79 19.52 -2.36
CA ARG A 3 -27.63 20.12 -3.05
C ARG A 3 -27.27 21.47 -2.42
N VAL A 4 -25.98 21.87 -2.51
CA VAL A 4 -25.41 23.12 -1.99
C VAL A 4 -25.98 24.35 -2.75
N ARG A 5 -26.43 25.39 -2.02
CA ARG A 5 -27.00 26.62 -2.58
C ARG A 5 -25.95 27.71 -2.84
N ASP A 6 -26.06 28.39 -4.01
CA ASP A 6 -25.17 29.48 -4.46
C ASP A 6 -23.72 29.04 -4.51
N PHE A 7 -23.47 27.83 -5.02
CA PHE A 7 -22.12 27.27 -5.12
C PHE A 7 -21.24 27.95 -6.19
N VAL A 8 -21.80 28.20 -7.39
CA VAL A 8 -21.11 28.78 -8.55
C VAL A 8 -20.26 30.00 -8.15
N ALA A 9 -20.79 30.82 -7.25
CA ALA A 9 -20.15 32.02 -6.72
C ALA A 9 -18.96 31.62 -5.82
N LYS A 10 -19.21 30.71 -4.86
CA LYS A 10 -18.25 30.20 -3.89
C LYS A 10 -17.01 29.54 -4.50
N LEU A 11 -17.05 29.19 -5.79
CA LEU A 11 -15.93 28.51 -6.45
C LEU A 11 -15.17 29.35 -7.48
N ALA A 12 -15.86 30.27 -8.19
CA ALA A 12 -15.30 31.15 -9.24
C ALA A 12 -14.03 31.92 -8.86
N ASN A 13 -14.08 32.70 -7.76
CA ASN A 13 -12.93 33.49 -7.28
C ASN A 13 -11.86 32.58 -6.62
N ASN A 14 -12.28 31.33 -6.22
CA ASN A 14 -11.46 30.30 -5.59
C ASN A 14 -10.72 29.36 -6.59
N THR A 15 -11.08 29.41 -7.88
CA THR A 15 -10.46 28.62 -8.96
C THR A 15 -9.14 29.31 -9.36
N HIS A 16 -8.04 28.55 -9.50
CA HIS A 16 -6.73 29.13 -9.85
C HIS A 16 -5.97 28.34 -10.88
N GLN A 17 -5.82 28.94 -12.09
CA GLN A 17 -5.12 28.39 -13.25
C GLN A 17 -3.62 28.74 -13.27
N HIS A 18 -2.81 27.88 -13.93
CA HIS A 18 -1.38 28.08 -14.16
C HIS A 18 -0.94 27.34 -15.42
N VAL A 19 -0.47 28.08 -16.42
CA VAL A 19 -0.02 27.45 -17.68
C VAL A 19 1.47 27.18 -17.58
N PHE A 20 1.81 25.90 -17.66
CA PHE A 20 3.17 25.41 -17.54
C PHE A 20 3.94 25.43 -18.86
N ASP A 21 3.33 26.01 -19.92
CA ASP A 21 3.89 26.10 -21.27
C ASP A 21 4.20 24.65 -21.76
N ASP A 22 5.44 24.40 -22.26
CA ASP A 22 6.09 23.18 -22.75
C ASP A 22 5.10 21.96 -23.03
N LEU A 23 5.23 20.70 -22.49
CA LEU A 23 6.22 20.03 -21.59
C LEU A 23 6.33 18.54 -21.98
N ARG A 24 6.63 18.31 -23.27
CA ARG A 24 6.79 17.00 -23.90
C ARG A 24 7.65 16.07 -23.04
N GLY A 25 7.12 14.86 -22.82
CA GLY A 25 7.76 13.83 -22.02
C GLY A 25 7.38 13.92 -20.56
N SER A 26 8.41 13.79 -19.68
CA SER A 26 8.30 13.82 -18.22
C SER A 26 7.51 14.99 -17.67
N VAL A 27 6.78 14.72 -16.58
CA VAL A 27 5.99 15.64 -15.77
C VAL A 27 5.88 14.96 -14.38
N SER A 28 6.90 15.14 -13.50
CA SER A 28 6.93 14.55 -12.16
C SER A 28 6.32 15.55 -11.19
N LEU A 29 5.52 15.07 -10.24
CA LEU A 29 4.88 15.93 -9.25
C LEU A 29 5.17 15.41 -7.84
N SER A 30 5.72 16.28 -6.97
CA SER A 30 6.04 15.93 -5.58
C SER A 30 5.55 16.91 -4.53
N TRP A 31 4.91 16.41 -3.48
CA TRP A 31 4.50 17.25 -2.37
C TRP A 31 5.66 17.18 -1.44
N VAL A 32 5.94 18.31 -0.77
CA VAL A 32 7.06 18.44 0.15
C VAL A 32 6.46 18.89 1.50
N GLY A 33 6.29 17.91 2.40
CA GLY A 33 5.76 18.08 3.74
C GLY A 33 4.27 18.32 3.88
N ASP A 34 3.78 18.09 5.09
CA ASP A 34 2.38 18.30 5.41
C ASP A 34 2.20 19.69 5.93
N SER A 35 0.97 20.25 5.71
CA SER A 35 0.54 21.58 6.16
C SER A 35 1.45 22.71 5.59
N THR A 36 2.11 22.47 4.44
CA THR A 36 2.99 23.43 3.80
C THR A 36 2.29 23.97 2.54
N GLY A 37 2.13 23.12 1.53
CA GLY A 37 1.54 23.47 0.26
C GLY A 37 2.59 23.41 -0.81
N VAL A 38 3.80 23.01 -0.40
CA VAL A 38 4.93 22.88 -1.32
C VAL A 38 4.78 21.69 -2.26
N ILE A 39 4.70 22.00 -3.53
CA ILE A 39 4.60 21.06 -4.64
C ILE A 39 5.79 21.40 -5.55
N LEU A 40 6.33 20.40 -6.22
CA LEU A 40 7.44 20.54 -7.14
C LEU A 40 7.08 19.75 -8.38
N VAL A 41 7.20 20.37 -9.56
CA VAL A 41 6.88 19.74 -10.85
C VAL A 41 8.16 19.73 -11.65
N LEU A 42 8.52 18.59 -12.23
CA LEU A 42 9.74 18.47 -13.01
C LEU A 42 9.48 17.86 -14.38
N THR A 43 9.67 18.69 -15.42
CA THR A 43 9.47 18.35 -16.83
C THR A 43 10.82 18.13 -17.54
N THR A 44 11.02 16.97 -18.20
CA THR A 44 12.28 16.73 -18.92
C THR A 44 12.01 16.47 -20.40
N PHE A 45 12.69 17.23 -21.27
CA PHE A 45 12.58 17.18 -22.73
C PHE A 45 13.75 16.33 -23.27
N HIS A 46 13.85 16.18 -24.60
CA HIS A 46 14.94 15.46 -25.28
C HIS A 46 15.25 16.03 -26.67
N VAL A 47 16.54 16.00 -27.07
CA VAL A 47 17.03 16.50 -28.36
C VAL A 47 16.73 15.50 -29.50
N GLY A 55 18.61 16.56 -23.57
CA GLY A 55 17.66 17.66 -23.64
C GLY A 55 17.76 18.66 -22.50
N GLN A 56 16.61 19.19 -22.07
CA GLN A 56 16.51 20.19 -20.98
C GLN A 56 15.48 19.80 -19.90
N SER A 57 15.65 20.36 -18.69
CA SER A 57 14.77 20.14 -17.54
C SER A 57 14.15 21.46 -17.09
N LYS A 58 12.99 21.41 -16.43
CA LYS A 58 12.25 22.58 -15.95
C LYS A 58 11.61 22.25 -14.61
N LEU A 59 11.93 23.03 -13.56
CA LEU A 59 11.40 22.81 -12.23
C LEU A 59 10.55 23.96 -11.75
N TYR A 60 9.36 23.68 -11.15
CA TYR A 60 8.44 24.71 -10.63
C TYR A 60 8.07 24.42 -9.18
N ARG A 61 7.96 25.47 -8.37
CA ARG A 61 7.66 25.32 -6.95
C ARG A 61 6.45 26.12 -6.56
N SER A 62 5.53 25.51 -5.79
CA SER A 62 4.33 26.18 -5.29
C SER A 62 4.45 26.22 -3.77
N GLU A 63 3.60 27.03 -3.11
CA GLU A 63 3.60 27.22 -1.67
C GLU A 63 2.17 27.43 -1.24
N ASP A 64 1.27 27.49 -2.26
CA ASP A 64 -0.16 27.72 -2.08
C ASP A 64 -1.03 26.53 -2.49
N TYR A 65 -0.52 25.29 -2.32
CA TYR A 65 -1.21 24.03 -2.62
C TYR A 65 -1.46 23.80 -4.15
N GLY A 66 -0.69 24.49 -5.01
CA GLY A 66 -0.78 24.35 -6.45
C GLY A 66 -1.63 25.38 -7.17
N LYS A 67 -2.01 26.44 -6.47
CA LYS A 67 -2.80 27.53 -7.03
C LYS A 67 -1.88 28.37 -7.94
N ASN A 68 -0.56 28.46 -7.58
CA ASN A 68 0.47 29.19 -8.33
C ASN A 68 1.84 28.57 -8.17
N PHE A 69 2.67 28.66 -9.21
CA PHE A 69 4.05 28.14 -9.24
C PHE A 69 5.01 29.23 -9.77
N LYS A 70 6.34 29.05 -9.59
CA LYS A 70 7.36 29.99 -10.06
C LYS A 70 8.53 29.18 -10.60
N ASP A 71 8.83 29.30 -11.93
CA ASP A 71 9.94 28.54 -12.55
C ASP A 71 11.23 28.78 -11.79
N ILE A 72 11.88 27.67 -11.34
CA ILE A 72 13.11 27.69 -10.57
C ILE A 72 14.23 26.84 -11.22
N THR A 73 14.24 26.70 -12.57
CA THR A 73 15.29 25.93 -13.28
C THR A 73 16.65 26.59 -12.98
N ASP A 74 16.57 27.91 -12.68
CA ASP A 74 17.64 28.83 -12.31
C ASP A 74 18.37 28.25 -11.10
N LEU A 75 17.60 27.76 -10.09
CA LEU A 75 18.09 27.17 -8.87
C LEU A 75 18.89 25.88 -9.10
N ILE A 76 18.68 25.20 -10.25
CA ILE A 76 19.44 23.98 -10.60
C ILE A 76 20.50 24.33 -11.68
N ASN A 77 20.94 25.63 -11.70
CA ASN A 77 21.94 26.24 -12.60
C ASN A 77 21.77 25.78 -14.07
N ASN A 78 20.50 25.42 -14.41
CA ASN A 78 20.05 24.94 -15.72
C ASN A 78 20.88 23.75 -16.25
N THR A 79 20.56 22.54 -15.74
CA THR A 79 21.19 21.27 -16.10
C THR A 79 20.11 20.20 -16.27
N PHE A 80 20.43 19.11 -16.99
CA PHE A 80 19.52 17.99 -17.26
C PHE A 80 19.42 17.09 -16.02
N ILE A 81 18.17 16.83 -15.58
CA ILE A 81 17.84 16.00 -14.41
C ILE A 81 17.20 14.65 -14.82
N ARG A 82 17.78 13.55 -14.29
CA ARG A 82 17.38 12.15 -14.50
C ARG A 82 16.16 11.85 -13.67
N THR A 83 15.06 11.47 -14.33
CA THR A 83 13.74 11.18 -13.73
C THR A 83 13.58 9.75 -13.23
N GLU A 84 14.59 8.92 -13.48
CA GLU A 84 14.69 7.53 -13.07
C GLU A 84 14.85 7.57 -11.56
N PHE A 85 15.51 8.62 -11.09
CA PHE A 85 15.76 8.86 -9.69
C PHE A 85 14.67 9.77 -9.16
N GLY A 86 14.08 10.55 -10.06
CA GLY A 86 13.03 11.48 -9.72
C GLY A 86 13.46 12.42 -8.62
N MET A 87 12.47 12.88 -7.86
CA MET A 87 12.68 13.80 -6.75
C MET A 87 12.67 13.02 -5.46
N ALA A 88 13.87 12.73 -4.93
CA ALA A 88 14.00 11.99 -3.69
C ALA A 88 13.64 12.96 -2.58
N ILE A 89 12.41 12.83 -2.03
CA ILE A 89 11.88 13.70 -0.97
C ILE A 89 12.10 13.10 0.39
N GLY A 90 12.45 13.96 1.35
CA GLY A 90 12.71 13.59 2.73
C GLY A 90 11.48 13.27 3.52
N PRO A 91 11.64 12.43 4.56
CA PRO A 91 10.49 12.05 5.41
C PRO A 91 9.89 13.19 6.20
N GLU A 92 8.70 12.94 6.79
CA GLU A 92 7.92 13.88 7.61
C GLU A 92 8.05 15.33 7.12
N ASN A 93 8.45 16.30 7.98
CA ASN A 93 8.60 17.71 7.52
C ASN A 93 10.07 18.17 7.50
N SER A 94 10.96 17.24 7.09
CA SER A 94 12.39 17.48 6.96
C SER A 94 12.74 18.47 5.83
N GLY A 95 11.78 18.71 4.93
CA GLY A 95 11.91 19.61 3.79
C GLY A 95 12.99 19.23 2.80
N LYS A 96 13.62 18.05 3.00
CA LYS A 96 14.71 17.58 2.15
C LYS A 96 14.21 17.13 0.77
N VAL A 97 14.93 17.53 -0.31
CA VAL A 97 14.64 17.26 -1.72
C VAL A 97 16.00 16.94 -2.37
N VAL A 98 16.10 15.86 -3.20
CA VAL A 98 17.34 15.48 -3.89
C VAL A 98 17.07 15.12 -5.35
N LEU A 99 17.51 15.98 -6.24
CA LEU A 99 17.36 15.73 -7.67
C LEU A 99 18.70 15.21 -8.17
N THR A 100 18.69 14.24 -9.09
CA THR A 100 19.92 13.65 -9.61
C THR A 100 20.17 14.21 -11.03
N ALA A 101 21.34 14.83 -11.23
CA ALA A 101 21.72 15.41 -12.54
C ALA A 101 22.37 14.40 -13.48
N GLU A 102 22.27 14.65 -14.80
CA GLU A 102 22.90 13.80 -15.81
C GLU A 102 24.31 14.35 -16.09
N VAL A 103 25.34 13.49 -16.02
CA VAL A 103 26.72 13.93 -16.22
C VAL A 103 27.31 13.36 -17.51
N SER A 104 28.37 14.02 -17.99
CA SER A 104 29.10 13.64 -19.20
C SER A 104 29.85 12.34 -18.90
N GLY A 105 29.75 11.40 -19.83
CA GLY A 105 30.32 10.06 -19.82
C GLY A 105 31.59 9.76 -19.04
N GLY A 106 32.62 10.55 -19.30
CA GLY A 106 33.94 10.41 -18.68
C GLY A 106 34.08 10.82 -17.23
N SER A 107 33.06 11.51 -16.65
CA SER A 107 33.08 11.98 -15.26
C SER A 107 33.50 10.93 -14.25
N ARG A 108 34.16 11.36 -13.16
CA ARG A 108 34.63 10.45 -12.10
C ARG A 108 33.47 9.97 -11.23
N GLY A 109 32.45 10.82 -11.12
CA GLY A 109 31.24 10.57 -10.35
C GLY A 109 30.07 11.43 -10.78
N GLY A 110 28.90 11.13 -10.24
CA GLY A 110 27.68 11.86 -10.54
C GLY A 110 27.61 13.21 -9.87
N ARG A 111 26.44 13.85 -9.95
CA ARG A 111 26.16 15.17 -9.38
C ARG A 111 24.70 15.20 -8.93
N ILE A 112 24.44 15.85 -7.79
CA ILE A 112 23.09 15.97 -7.23
C ILE A 112 22.77 17.37 -6.73
N PHE A 113 21.51 17.78 -6.80
CA PHE A 113 21.07 19.09 -6.30
C PHE A 113 20.30 18.79 -5.07
N ARG A 114 20.53 19.57 -4.01
CA ARG A 114 19.88 19.28 -2.75
C ARG A 114 19.45 20.48 -1.98
N SER A 115 18.22 20.40 -1.49
CA SER A 115 17.53 21.38 -0.68
C SER A 115 17.15 20.67 0.59
N SER A 116 17.11 21.40 1.71
CA SER A 116 16.74 20.88 3.03
C SER A 116 15.87 21.93 3.67
N ASP A 117 15.39 22.86 2.83
CA ASP A 117 14.57 24.00 3.21
C ASP A 117 13.33 24.19 2.33
N PHE A 118 12.67 23.06 1.93
CA PHE A 118 11.43 23.00 1.11
C PHE A 118 11.62 23.63 -0.27
N ALA A 119 12.73 23.28 -0.94
CA ALA A 119 13.12 23.76 -2.27
C ALA A 119 13.27 25.29 -2.37
N LYS A 120 13.62 25.95 -1.25
CA LYS A 120 13.81 27.40 -1.28
C LYS A 120 15.23 27.68 -1.76
N ASN A 121 16.19 26.79 -1.41
CA ASN A 121 17.61 26.90 -1.80
C ASN A 121 18.23 25.55 -2.15
N PHE A 122 18.82 25.44 -3.35
CA PHE A 122 19.47 24.22 -3.81
C PHE A 122 20.96 24.32 -3.76
N VAL A 123 21.61 23.22 -3.38
CA VAL A 123 23.06 23.08 -3.25
C VAL A 123 23.56 22.08 -4.30
N GLN A 124 24.54 22.45 -5.14
CA GLN A 124 25.10 21.49 -6.10
C GLN A 124 26.12 20.64 -5.32
N THR A 125 26.30 19.36 -5.69
CA THR A 125 27.24 18.44 -5.04
C THR A 125 27.67 17.32 -5.97
N ASP A 126 28.97 17.24 -6.27
CA ASP A 126 29.54 16.19 -7.12
C ASP A 126 29.82 15.01 -6.22
N LEU A 127 29.61 13.80 -6.71
CA LEU A 127 29.76 12.59 -5.90
C LEU A 127 30.96 11.74 -6.27
N PRO A 128 31.51 10.98 -5.29
CA PRO A 128 32.67 10.11 -5.58
C PRO A 128 32.35 8.88 -6.43
N PHE A 129 31.06 8.65 -6.68
CA PHE A 129 30.50 7.51 -7.42
C PHE A 129 29.39 7.94 -8.37
N HIS A 130 28.95 7.01 -9.23
CA HIS A 130 27.86 7.20 -10.17
C HIS A 130 26.63 6.44 -9.63
N PRO A 131 25.60 7.16 -9.10
CA PRO A 131 24.42 6.49 -8.55
C PRO A 131 23.68 5.63 -9.55
N LEU A 132 23.18 4.50 -9.04
CA LEU A 132 22.42 3.45 -9.72
C LEU A 132 21.00 3.38 -9.14
N THR A 133 20.82 3.81 -7.89
CA THR A 133 19.52 3.81 -7.21
C THR A 133 19.18 5.19 -6.68
N GLN A 134 17.90 5.43 -6.37
CA GLN A 134 17.49 6.70 -5.81
C GLN A 134 18.05 6.67 -4.40
N MET A 135 18.61 7.79 -3.98
CA MET A 135 19.16 7.90 -2.64
C MET A 135 18.03 7.76 -1.65
N MET A 136 18.20 6.81 -0.72
CA MET A 136 17.19 6.54 0.29
C MET A 136 17.51 7.25 1.61
N TYR A 137 16.54 7.98 2.18
CA TYR A 137 16.69 8.69 3.46
C TYR A 137 16.43 7.73 4.63
N SER A 138 17.23 7.81 5.72
CA SER A 138 16.98 6.99 6.91
C SER A 138 15.68 7.47 7.58
N PRO A 139 14.76 6.55 7.99
CA PRO A 139 13.49 6.99 8.60
C PRO A 139 13.66 7.71 9.94
N GLN A 140 14.73 7.37 10.67
CA GLN A 140 15.11 7.93 11.96
C GLN A 140 15.68 9.36 11.79
N ASN A 141 16.78 9.50 11.01
CA ASN A 141 17.47 10.77 10.73
C ASN A 141 17.51 11.10 9.23
N SER A 142 16.81 12.18 8.82
CA SER A 142 16.77 12.62 7.41
C SER A 142 18.14 13.07 6.82
N ASP A 143 19.17 13.28 7.67
CA ASP A 143 20.51 13.66 7.19
C ASP A 143 21.28 12.44 6.75
N TYR A 144 20.85 11.23 7.14
CA TYR A 144 21.56 10.04 6.71
C TYR A 144 20.93 9.47 5.45
N LEU A 145 21.74 9.26 4.41
CA LEU A 145 21.30 8.68 3.16
C LEU A 145 22.16 7.47 2.83
N LEU A 146 21.67 6.63 1.93
CA LEU A 146 22.41 5.48 1.46
C LEU A 146 22.09 5.34 -0.02
N ALA A 147 23.02 4.79 -0.81
CA ALA A 147 22.86 4.63 -2.24
C ALA A 147 23.76 3.53 -2.80
N LEU A 148 23.47 3.09 -4.02
CA LEU A 148 24.30 2.10 -4.71
C LEU A 148 25.00 2.76 -5.91
N SER A 149 26.29 2.47 -6.09
CA SER A 149 27.10 2.95 -7.18
C SER A 149 26.89 1.96 -8.34
N THR A 150 27.23 2.37 -9.55
CA THR A 150 27.14 1.58 -10.78
C THR A 150 28.11 0.40 -10.71
N GLU A 151 29.03 0.45 -9.71
CA GLU A 151 30.04 -0.56 -9.42
C GLU A 151 29.55 -1.56 -8.34
N ASN A 152 28.37 -1.27 -7.74
CA ASN A 152 27.65 -2.03 -6.72
C ASN A 152 28.18 -1.80 -5.31
N GLY A 153 28.83 -0.66 -5.09
CA GLY A 153 29.34 -0.31 -3.77
C GLY A 153 28.30 0.44 -2.96
N LEU A 154 28.20 0.13 -1.66
CA LEU A 154 27.24 0.81 -0.80
C LEU A 154 27.85 2.08 -0.26
N TRP A 155 27.31 3.22 -0.69
CA TRP A 155 27.78 4.53 -0.25
C TRP A 155 26.82 5.14 0.76
N VAL A 156 27.36 5.63 1.88
CA VAL A 156 26.58 6.26 2.97
C VAL A 156 27.00 7.72 3.12
N SER A 157 26.11 8.57 3.65
CA SER A 157 26.34 9.98 3.91
C SER A 157 25.70 10.29 5.26
N LYS A 158 26.35 11.08 6.12
CA LYS A 158 25.80 11.42 7.44
C LYS A 158 25.49 12.90 7.49
N ASN A 159 25.65 13.60 6.36
CA ASN A 159 25.44 15.06 6.26
C ASN A 159 24.55 15.54 5.08
N PHE A 160 23.42 14.83 4.85
CA PHE A 160 22.45 15.10 3.78
C PHE A 160 23.14 15.15 2.41
N GLY A 161 23.92 14.11 2.14
CA GLY A 161 24.62 13.92 0.88
C GLY A 161 25.82 14.80 0.58
N GLY A 162 26.41 15.42 1.60
CA GLY A 162 27.57 16.27 1.43
C GLY A 162 28.84 15.47 1.19
N LYS A 163 29.09 14.53 2.12
CA LYS A 163 30.23 13.63 2.13
C LYS A 163 29.74 12.18 2.05
N TRP A 164 30.25 11.42 1.07
CA TRP A 164 29.90 10.02 0.81
C TRP A 164 31.06 9.06 1.01
N GLU A 165 30.89 8.07 1.90
CA GLU A 165 31.91 7.06 2.20
C GLU A 165 31.39 5.68 1.80
N GLU A 166 32.18 4.95 1.00
CA GLU A 166 31.84 3.61 0.57
C GLU A 166 32.04 2.70 1.80
N ILE A 167 30.99 1.97 2.22
CA ILE A 167 31.07 1.11 3.41
C ILE A 167 31.14 -0.39 3.06
N HIS A 168 30.75 -0.79 1.84
CA HIS A 168 30.85 -2.18 1.37
C HIS A 168 31.02 -2.19 -0.15
N LYS A 169 31.47 -3.32 -0.76
CA LYS A 169 31.74 -3.26 -2.20
C LYS A 169 30.93 -4.18 -3.15
N ALA A 170 30.43 -5.34 -2.72
CA ALA A 170 29.67 -6.13 -3.70
C ALA A 170 28.18 -6.22 -3.32
N VAL A 171 27.56 -5.06 -3.04
CA VAL A 171 26.16 -4.93 -2.61
C VAL A 171 25.15 -5.14 -3.76
N CYS A 172 24.11 -5.97 -3.50
CA CYS A 172 23.02 -6.30 -4.43
C CYS A 172 21.79 -5.47 -4.17
N LEU A 173 21.49 -5.25 -2.90
CA LEU A 173 20.32 -4.53 -2.42
C LEU A 173 20.58 -4.14 -0.96
N ALA A 174 20.21 -2.91 -0.58
CA ALA A 174 20.37 -2.38 0.76
C ALA A 174 19.08 -1.68 1.20
N LYS A 175 18.78 -1.64 2.51
CA LYS A 175 17.56 -1.06 3.05
C LYS A 175 17.75 -0.48 4.46
N TRP A 176 17.19 0.70 4.70
CA TRP A 176 17.21 1.37 6.00
C TRP A 176 16.24 0.70 6.97
N GLY A 177 16.75 0.15 8.06
CA GLY A 177 15.91 -0.43 9.08
C GLY A 177 15.55 0.64 10.10
N SER A 178 15.00 0.23 11.26
CA SER A 178 14.66 1.16 12.35
C SER A 178 15.95 1.55 13.11
N ASP A 179 15.95 2.73 13.77
CA ASP A 179 17.08 3.28 14.53
C ASP A 179 18.40 3.26 13.71
N ASN A 180 18.38 3.90 12.53
CA ASN A 180 19.48 4.06 11.57
C ASN A 180 20.32 2.76 11.22
N THR A 181 19.69 1.57 11.26
CA THR A 181 20.34 0.30 10.91
C THR A 181 20.30 0.19 9.38
N ILE A 182 21.21 -0.60 8.76
CA ILE A 182 21.24 -0.80 7.30
C ILE A 182 21.35 -2.29 7.06
N PHE A 183 20.40 -2.88 6.32
CA PHE A 183 20.45 -4.31 5.97
C PHE A 183 20.86 -4.41 4.50
N PHE A 184 21.72 -5.37 4.12
CA PHE A 184 22.14 -5.51 2.73
C PHE A 184 22.71 -6.84 2.35
N THR A 185 22.50 -7.24 1.11
CA THR A 185 23.04 -8.49 0.58
C THR A 185 24.32 -8.22 -0.21
N THR A 186 25.23 -9.21 -0.25
CA THR A 186 26.49 -9.08 -1.00
C THR A 186 26.77 -10.31 -1.83
N TYR A 187 27.37 -10.11 -3.02
CA TYR A 187 27.78 -11.17 -3.96
C TYR A 187 29.30 -11.42 -3.82
N ALA A 188 29.88 -12.38 -4.59
CA ALA A 188 31.32 -12.66 -4.50
C ALA A 188 31.99 -13.14 -5.79
N ASN A 189 31.49 -14.25 -6.38
CA ASN A 189 32.06 -14.88 -7.56
C ASN A 189 31.77 -14.20 -8.90
N GLY A 190 30.80 -13.28 -8.95
CA GLY A 190 30.47 -12.61 -10.21
C GLY A 190 29.61 -11.36 -10.16
N SER A 191 28.28 -11.57 -10.14
CA SER A 191 27.29 -10.49 -10.12
C SER A 191 26.08 -10.84 -9.26
N CYS A 192 25.11 -9.91 -9.23
CA CYS A 192 23.85 -10.06 -8.51
C CYS A 192 23.09 -11.23 -9.11
N LYS A 193 23.02 -11.26 -10.46
CA LYS A 193 22.33 -12.27 -11.25
C LYS A 193 22.97 -13.66 -11.09
N ALA A 194 24.32 -13.71 -11.01
CA ALA A 194 25.10 -14.95 -10.88
C ALA A 194 24.89 -15.64 -9.55
N ASP A 195 25.33 -14.98 -8.47
CA ASP A 195 25.24 -15.48 -7.10
C ASP A 195 23.80 -15.47 -6.53
N LEU A 196 22.78 -15.62 -7.40
CA LEU A 196 21.36 -15.66 -7.03
C LEU A 196 21.11 -16.86 -6.11
N GLY A 197 20.68 -16.58 -4.89
CA GLY A 197 20.43 -17.63 -3.90
C GLY A 197 21.67 -18.10 -3.18
N ALA A 198 22.81 -17.42 -3.45
CA ALA A 198 24.12 -17.71 -2.86
C ALA A 198 24.71 -16.50 -2.11
N LEU A 199 23.99 -15.36 -2.16
CA LEU A 199 24.35 -14.08 -1.53
C LEU A 199 24.40 -14.13 0.00
N GLU A 200 25.07 -13.15 0.60
CA GLU A 200 25.24 -13.07 2.05
C GLU A 200 24.52 -11.85 2.58
N LEU A 201 23.67 -12.02 3.60
CA LEU A 201 22.96 -10.90 4.19
C LEU A 201 23.77 -10.38 5.35
N TRP A 202 23.95 -9.06 5.41
CA TRP A 202 24.72 -8.36 6.41
C TRP A 202 23.90 -7.26 7.06
N ARG A 203 24.41 -6.74 8.20
CA ARG A 203 23.82 -5.64 8.95
C ARG A 203 24.96 -4.75 9.51
N THR A 204 24.67 -3.44 9.72
CA THR A 204 25.56 -2.42 10.27
C THR A 204 24.72 -1.38 10.98
N SER A 205 25.03 -1.15 12.26
CA SER A 205 24.33 -0.20 13.13
C SER A 205 25.15 1.08 13.36
N ASP A 206 26.44 0.98 13.05
CA ASP A 206 27.45 2.04 13.19
C ASP A 206 27.90 2.56 11.80
N LEU A 207 26.92 2.67 10.90
CA LEU A 207 27.00 3.15 9.52
C LEU A 207 28.33 2.80 8.79
N GLY A 208 28.65 1.51 8.78
CA GLY A 208 29.87 1.00 8.15
C GLY A 208 31.02 0.59 9.04
N LYS A 209 31.06 1.03 10.33
CA LYS A 209 32.16 0.67 11.22
C LYS A 209 32.28 -0.85 11.41
N SER A 210 31.20 -1.50 11.90
CA SER A 210 31.11 -2.95 12.12
C SER A 210 30.04 -3.60 11.21
N PHE A 211 30.18 -4.92 10.99
CA PHE A 211 29.28 -5.69 10.15
C PHE A 211 29.04 -7.09 10.70
N LYS A 212 27.77 -7.53 10.70
CA LYS A 212 27.44 -8.87 11.16
C LYS A 212 26.85 -9.66 10.02
N THR A 213 27.40 -10.85 9.70
CA THR A 213 26.80 -11.67 8.66
C THR A 213 25.57 -12.23 9.36
N ILE A 214 24.38 -11.87 8.89
CA ILE A 214 23.14 -12.32 9.51
C ILE A 214 22.45 -13.39 8.63
N GLY A 215 23.11 -13.82 7.58
CA GLY A 215 22.54 -14.85 6.71
C GLY A 215 23.44 -15.24 5.56
N VAL A 216 23.32 -16.49 5.12
CA VAL A 216 24.08 -17.10 4.02
C VAL A 216 23.10 -17.89 3.14
N LYS A 217 23.46 -18.16 1.86
CA LYS A 217 22.61 -18.87 0.88
C LYS A 217 21.28 -18.10 0.67
N ILE A 218 21.37 -16.75 0.80
CA ILE A 218 20.28 -15.78 0.67
C ILE A 218 19.91 -15.56 -0.78
N TYR A 219 18.61 -15.57 -1.06
CA TYR A 219 18.07 -15.33 -2.40
C TYR A 219 17.63 -13.86 -2.46
N SER A 220 16.95 -13.37 -1.40
CA SER A 220 16.44 -12.00 -1.22
C SER A 220 15.93 -11.81 0.20
N PHE A 221 15.76 -10.55 0.58
CA PHE A 221 15.29 -10.19 1.89
C PHE A 221 14.26 -9.06 1.75
N GLY A 222 13.56 -8.77 2.84
CA GLY A 222 12.56 -7.72 2.90
C GLY A 222 12.07 -7.44 4.31
N LEU A 223 11.61 -6.24 4.53
CA LEU A 223 11.12 -5.85 5.85
C LEU A 223 9.64 -5.62 5.75
N GLY A 224 8.94 -6.05 6.77
CA GLY A 224 7.49 -5.92 6.88
C GLY A 224 7.11 -5.92 8.34
N GLY A 225 6.52 -4.81 8.78
CA GLY A 225 6.14 -4.60 10.16
C GLY A 225 7.35 -4.71 11.07
N ARG A 226 7.25 -5.58 12.06
CA ARG A 226 8.27 -5.87 13.05
C ARG A 226 9.24 -6.96 12.58
N PHE A 227 8.96 -7.58 11.42
CA PHE A 227 9.73 -8.70 10.89
C PHE A 227 10.77 -8.39 9.82
N LEU A 228 11.74 -9.34 9.70
CA LEU A 228 12.80 -9.34 8.69
C LEU A 228 12.69 -10.68 8.06
N PHE A 229 12.25 -10.69 6.83
CA PHE A 229 12.11 -11.94 6.10
C PHE A 229 13.27 -12.04 5.15
N ALA A 230 13.74 -13.27 4.90
CA ALA A 230 14.82 -13.57 3.97
C ALA A 230 14.55 -14.93 3.40
N SER A 231 14.60 -15.07 2.06
CA SER A 231 14.41 -16.39 1.44
C SER A 231 15.81 -16.99 1.37
N VAL A 232 15.94 -18.22 1.91
CA VAL A 232 17.19 -18.98 1.97
C VAL A 232 17.05 -20.23 1.10
N MET A 233 18.04 -20.44 0.23
CA MET A 233 18.08 -21.57 -0.68
C MET A 233 18.57 -22.85 0.00
N ALA A 234 17.92 -23.99 -0.35
CA ALA A 234 18.20 -25.34 0.17
C ALA A 234 19.58 -25.83 -0.25
N ASP A 235 20.30 -26.48 0.69
CA ASP A 235 21.63 -27.04 0.43
C ASP A 235 21.53 -28.20 -0.56
N LYS A 236 22.29 -28.07 -1.66
CA LYS A 236 22.35 -29.00 -2.80
C LYS A 236 20.93 -29.19 -3.42
N ASP A 237 20.26 -28.05 -3.70
CA ASP A 237 18.91 -27.94 -4.29
C ASP A 237 18.58 -26.53 -4.84
N THR A 238 17.68 -26.48 -5.84
CA THR A 238 17.20 -25.25 -6.50
C THR A 238 16.09 -24.51 -5.70
N THR A 239 15.39 -25.24 -4.78
CA THR A 239 14.31 -24.71 -3.94
C THR A 239 14.80 -23.80 -2.84
N ARG A 240 13.87 -22.99 -2.31
CA ARG A 240 14.06 -22.03 -1.21
C ARG A 240 12.78 -21.89 -0.36
N ARG A 241 12.96 -21.39 0.87
CA ARG A 241 11.90 -21.14 1.83
C ARG A 241 12.16 -19.86 2.66
N ILE A 242 11.11 -19.34 3.32
CA ILE A 242 11.21 -18.13 4.15
C ILE A 242 11.73 -18.48 5.54
N HIS A 243 12.47 -17.53 6.15
CA HIS A 243 13.07 -17.52 7.49
C HIS A 243 12.78 -16.13 8.02
N VAL A 244 12.54 -16.00 9.36
CA VAL A 244 12.16 -14.73 10.03
C VAL A 244 13.02 -14.38 11.21
N SER A 245 13.27 -13.07 11.41
CA SER A 245 13.98 -12.50 12.57
C SER A 245 13.17 -11.33 13.09
N THR A 246 12.93 -11.33 14.40
CA THR A 246 12.19 -10.26 15.05
C THR A 246 13.18 -9.42 15.84
N ASP A 247 14.44 -9.87 15.85
CA ASP A 247 15.62 -9.26 16.50
C ASP A 247 16.69 -9.05 15.45
N GLN A 248 16.55 -7.99 14.64
CA GLN A 248 17.40 -7.50 13.55
C GLN A 248 18.50 -8.50 13.06
N GLY A 249 18.12 -9.71 12.67
CA GLY A 249 19.06 -10.70 12.16
C GLY A 249 19.78 -11.60 13.17
N ASP A 250 19.83 -11.18 14.47
CA ASP A 250 20.47 -11.89 15.59
C ASP A 250 19.99 -13.33 15.67
N THR A 251 18.66 -13.58 15.71
CA THR A 251 18.15 -14.96 15.75
C THR A 251 17.23 -15.21 14.55
N TRP A 252 17.29 -16.44 14.01
CA TRP A 252 16.49 -16.87 12.87
C TRP A 252 15.63 -18.07 13.18
N SER A 253 14.54 -18.22 12.44
CA SER A 253 13.58 -19.30 12.56
C SER A 253 12.91 -19.47 11.25
N MET A 254 12.80 -20.72 10.81
CA MET A 254 12.17 -21.12 9.56
C MET A 254 10.66 -20.81 9.67
N ALA A 255 10.05 -20.30 8.58
CA ALA A 255 8.62 -19.97 8.59
C ALA A 255 7.85 -21.20 8.18
N GLN A 256 6.69 -21.44 8.85
CA GLN A 256 5.83 -22.57 8.58
C GLN A 256 5.04 -22.27 7.30
N LEU A 257 5.75 -22.22 6.18
CA LEU A 257 5.25 -21.94 4.82
C LEU A 257 5.85 -22.95 3.81
N PRO A 258 5.18 -23.18 2.66
CA PRO A 258 5.76 -24.07 1.65
C PRO A 258 7.11 -23.57 1.12
N SER A 259 7.88 -24.49 0.53
CA SER A 259 9.15 -24.21 -0.11
C SER A 259 8.77 -23.96 -1.59
N VAL A 260 9.55 -23.16 -2.32
CA VAL A 260 9.21 -22.92 -3.72
C VAL A 260 10.41 -23.11 -4.63
N GLY A 261 10.13 -23.30 -5.92
CA GLY A 261 11.16 -23.45 -6.95
C GLY A 261 11.62 -22.11 -7.48
N GLN A 262 12.63 -22.11 -8.39
CA GLN A 262 13.14 -20.86 -8.97
C GLN A 262 12.10 -20.10 -9.83
N GLU A 263 11.10 -20.85 -10.36
CA GLU A 263 10.01 -20.28 -11.18
C GLU A 263 8.80 -19.76 -10.32
N GLN A 264 8.92 -19.84 -8.98
CA GLN A 264 7.88 -19.38 -8.07
C GLN A 264 8.38 -18.20 -7.23
N PHE A 265 7.47 -17.48 -6.59
CA PHE A 265 7.86 -16.36 -5.74
C PHE A 265 7.01 -16.28 -4.45
N TYR A 266 7.48 -15.42 -3.53
CA TYR A 266 6.88 -15.01 -2.27
C TYR A 266 6.70 -13.49 -2.43
N SER A 267 5.61 -12.96 -1.89
CA SER A 267 5.33 -11.52 -1.93
C SER A 267 4.69 -11.14 -0.59
N ILE A 268 5.15 -10.05 0.05
CA ILE A 268 4.52 -9.59 1.30
C ILE A 268 3.37 -8.78 0.78
N LEU A 269 2.16 -9.24 0.95
CA LEU A 269 1.02 -8.48 0.49
C LEU A 269 0.75 -7.31 1.45
N ALA A 270 0.91 -7.52 2.76
CA ALA A 270 0.66 -6.51 3.78
C ALA A 270 1.37 -6.90 5.06
N ALA A 271 1.94 -5.93 5.77
CA ALA A 271 2.63 -6.17 7.03
C ALA A 271 2.42 -5.04 8.04
N ASN A 272 2.29 -5.41 9.31
CA ASN A 272 2.14 -4.41 10.35
C ASN A 272 2.81 -4.87 11.65
N ASP A 273 2.64 -4.09 12.73
CA ASP A 273 3.20 -4.42 14.04
C ASP A 273 2.66 -5.74 14.58
N ASP A 274 1.49 -6.20 14.10
CA ASP A 274 0.92 -7.48 14.53
C ASP A 274 1.19 -8.67 13.65
N MET A 275 1.06 -8.59 12.29
CA MET A 275 1.24 -9.74 11.39
C MET A 275 1.56 -9.41 9.94
N VAL A 276 1.52 -10.45 9.06
CA VAL A 276 1.78 -10.38 7.62
C VAL A 276 0.83 -11.24 6.77
N PHE A 277 0.48 -10.70 5.61
CA PHE A 277 -0.30 -11.38 4.59
C PHE A 277 0.79 -11.79 3.58
N MET A 278 1.00 -13.08 3.40
CA MET A 278 2.01 -13.59 2.51
C MET A 278 1.44 -14.36 1.37
N HIS A 279 1.74 -13.90 0.14
CA HIS A 279 1.34 -14.56 -1.09
C HIS A 279 2.43 -15.52 -1.47
N VAL A 280 2.07 -16.80 -1.66
CA VAL A 280 3.00 -17.85 -2.11
C VAL A 280 2.52 -18.30 -3.51
N ASP A 281 3.39 -18.13 -4.55
CA ASP A 281 3.06 -18.51 -5.93
C ASP A 281 2.91 -20.02 -6.11
N GLU A 282 1.84 -20.39 -6.80
CA GLU A 282 1.54 -21.78 -7.08
C GLU A 282 2.55 -22.29 -8.11
N PRO A 283 3.09 -23.54 -7.94
CA PRO A 283 4.06 -24.07 -8.91
C PRO A 283 3.50 -24.20 -10.35
N GLY A 284 4.29 -23.67 -11.30
CA GLY A 284 3.95 -23.63 -12.73
C GLY A 284 3.26 -22.36 -13.14
N ASP A 285 3.32 -21.99 -14.43
CA ASP A 285 2.68 -20.75 -14.95
C ASP A 285 1.14 -20.85 -14.78
N THR A 286 0.65 -20.40 -13.61
CA THR A 286 -0.75 -20.42 -13.19
C THR A 286 -1.31 -19.01 -13.14
N GLY A 287 -0.45 -18.05 -12.77
CA GLY A 287 -0.80 -16.64 -12.63
C GLY A 287 -1.61 -16.34 -11.38
N PHE A 288 -1.41 -17.18 -10.34
CA PHE A 288 -2.08 -17.15 -9.05
C PHE A 288 -1.30 -17.96 -7.97
N GLY A 289 -1.62 -17.68 -6.72
CA GLY A 289 -1.04 -18.31 -5.54
C GLY A 289 -2.02 -18.45 -4.40
N THR A 290 -1.45 -18.58 -3.21
CA THR A 290 -2.17 -18.76 -1.97
C THR A 290 -1.78 -17.73 -0.92
N ILE A 291 -2.79 -17.14 -0.24
CA ILE A 291 -2.55 -16.16 0.84
C ILE A 291 -2.49 -16.88 2.16
N PHE A 292 -1.46 -16.53 2.98
CA PHE A 292 -1.21 -17.06 4.32
C PHE A 292 -1.07 -15.89 5.26
N THR A 293 -1.75 -15.94 6.41
CA THR A 293 -1.75 -14.91 7.46
C THR A 293 -0.86 -15.40 8.60
N SER A 294 0.06 -14.59 9.10
CA SER A 294 0.97 -15.04 10.15
C SER A 294 0.49 -14.82 11.57
N ASP A 295 1.27 -15.32 12.54
CA ASP A 295 1.05 -15.15 13.96
C ASP A 295 1.92 -13.93 14.33
N ASP A 296 1.87 -13.44 15.58
CA ASP A 296 2.64 -12.26 16.04
C ASP A 296 4.18 -12.49 16.01
N ARG A 297 4.59 -13.75 15.75
CA ARG A 297 5.98 -14.16 15.66
C ARG A 297 6.42 -14.16 14.18
N GLY A 298 5.42 -14.17 13.29
CA GLY A 298 5.60 -14.18 11.85
C GLY A 298 6.08 -15.56 11.41
N ILE A 299 5.84 -16.57 12.25
CA ILE A 299 6.27 -17.96 12.03
C ILE A 299 5.15 -18.92 11.67
N VAL A 300 4.07 -18.94 12.48
CA VAL A 300 2.98 -19.89 12.19
C VAL A 300 2.09 -19.22 11.20
N TYR A 301 1.70 -19.94 10.14
CA TYR A 301 0.87 -19.44 9.05
C TYR A 301 -0.44 -20.20 8.85
N SER A 302 -1.47 -19.47 8.54
CA SER A 302 -2.78 -20.03 8.34
C SER A 302 -3.22 -19.85 6.90
N LYS A 303 -3.54 -20.92 6.21
CA LYS A 303 -3.98 -20.77 4.83
C LYS A 303 -5.26 -19.90 4.89
N SER A 304 -5.18 -18.70 4.31
CA SER A 304 -6.25 -17.71 4.28
C SER A 304 -7.09 -17.71 2.98
N LEU A 305 -6.43 -17.81 1.78
CA LEU A 305 -7.10 -17.70 0.48
C LEU A 305 -6.44 -18.45 -0.68
N ASP A 306 -7.25 -19.21 -1.42
CA ASP A 306 -6.81 -20.01 -2.57
C ASP A 306 -7.08 -19.32 -3.87
N ARG A 307 -6.23 -19.65 -4.87
CA ARG A 307 -6.31 -19.13 -6.22
C ARG A 307 -6.39 -17.62 -6.21
N HIS A 308 -5.47 -17.01 -5.47
CA HIS A 308 -5.44 -15.56 -5.38
C HIS A 308 -4.59 -15.04 -6.52
N LEU A 309 -5.24 -14.31 -7.43
CA LEU A 309 -4.64 -13.66 -8.60
C LEU A 309 -3.43 -12.87 -8.22
N TYR A 310 -2.36 -13.14 -8.91
CA TYR A 310 -1.08 -12.49 -8.80
C TYR A 310 -0.30 -13.03 -9.95
N THR A 311 -0.28 -12.25 -11.05
CA THR A 311 0.41 -12.56 -12.33
C THR A 311 1.90 -12.77 -12.05
N THR A 312 2.60 -13.39 -12.97
CA THR A 312 4.01 -13.64 -12.77
C THR A 312 4.90 -12.55 -13.51
N THR A 313 5.93 -11.96 -12.81
CA THR A 313 6.32 -12.22 -11.38
C THR A 313 5.52 -11.29 -10.46
N GLY A 314 5.97 -10.05 -10.36
CA GLY A 314 5.34 -8.99 -9.60
C GLY A 314 5.42 -7.76 -10.50
N GLY A 315 4.47 -7.62 -11.44
CA GLY A 315 3.31 -8.49 -11.59
C GLY A 315 2.16 -7.80 -10.91
N GLU A 316 0.94 -8.10 -11.35
CA GLU A 316 -0.23 -7.46 -10.78
C GLU A 316 -0.95 -8.33 -9.79
N THR A 317 -1.69 -7.66 -8.89
CA THR A 317 -2.52 -8.19 -7.81
C THR A 317 -3.58 -7.15 -7.44
N ASP A 318 -4.78 -7.63 -7.18
CA ASP A 318 -5.88 -6.75 -6.80
C ASP A 318 -6.03 -6.62 -5.30
N PHE A 319 -5.03 -7.21 -4.56
CA PHE A 319 -4.93 -7.22 -3.10
C PHE A 319 -4.90 -5.79 -2.68
N THR A 320 -5.79 -5.44 -1.75
CA THR A 320 -5.99 -4.08 -1.30
C THR A 320 -6.32 -4.03 0.19
N ASN A 321 -5.71 -3.09 0.90
CA ASN A 321 -6.05 -2.85 2.28
C ASN A 321 -7.13 -1.75 2.26
N VAL A 322 -8.34 -2.06 2.74
CA VAL A 322 -9.37 -1.03 2.79
C VAL A 322 -9.01 -0.27 4.09
N THR A 323 -8.10 0.71 3.93
CA THR A 323 -7.49 1.55 4.95
C THR A 323 -8.50 2.36 5.76
N SER A 324 -9.79 2.47 5.27
CA SER A 324 -10.88 3.21 5.93
C SER A 324 -11.71 2.38 6.92
N LEU A 325 -11.35 1.11 7.17
CA LEU A 325 -12.02 0.32 8.21
C LEU A 325 -11.14 -0.87 8.60
N ARG A 326 -10.97 -1.04 9.93
CA ARG A 326 -10.15 -2.04 10.62
C ARG A 326 -10.54 -3.45 10.29
N GLY A 327 -9.57 -4.21 9.77
CA GLY A 327 -9.71 -5.61 9.35
C GLY A 327 -10.19 -5.83 7.92
N VAL A 328 -10.48 -4.74 7.17
CA VAL A 328 -11.01 -4.97 5.83
C VAL A 328 -9.92 -4.96 4.72
N TYR A 329 -9.97 -5.99 3.86
CA TYR A 329 -9.12 -6.18 2.69
C TYR A 329 -9.95 -6.82 1.57
N ILE A 330 -9.89 -6.27 0.33
CA ILE A 330 -10.56 -6.80 -0.86
C ILE A 330 -9.45 -7.27 -1.79
N THR A 331 -9.63 -8.41 -2.46
CA THR A 331 -8.67 -8.98 -3.42
C THR A 331 -9.40 -9.76 -4.50
N SER A 332 -8.63 -10.26 -5.48
CA SER A 332 -9.16 -11.03 -6.60
C SER A 332 -8.73 -12.44 -6.61
N VAL A 333 -9.71 -13.31 -6.77
CA VAL A 333 -9.49 -14.74 -6.85
C VAL A 333 -9.88 -15.25 -8.21
N LEU A 334 -9.22 -16.34 -8.62
CA LEU A 334 -9.40 -16.99 -9.91
C LEU A 334 -10.25 -18.26 -9.87
N SER A 335 -11.41 -18.23 -10.54
CA SER A 335 -12.31 -19.37 -10.62
C SER A 335 -11.77 -20.48 -11.52
N GLU A 336 -12.07 -21.77 -11.18
CA GLU A 336 -11.67 -22.98 -11.96
C GLU A 336 -12.06 -22.83 -13.45
N ASP A 337 -13.19 -22.12 -13.72
CA ASP A 337 -13.76 -21.82 -15.04
C ASP A 337 -13.22 -20.49 -15.64
N ASN A 338 -11.94 -20.18 -15.32
CA ASN A 338 -11.11 -19.03 -15.70
C ASN A 338 -11.78 -17.64 -15.75
N SER A 339 -12.56 -17.31 -14.70
CA SER A 339 -13.20 -16.03 -14.52
C SER A 339 -12.55 -15.43 -13.26
N ILE A 340 -12.63 -14.09 -13.10
CA ILE A 340 -12.05 -13.44 -11.93
C ILE A 340 -13.16 -12.89 -11.03
N GLN A 341 -13.13 -13.26 -9.72
CA GLN A 341 -14.07 -12.82 -8.65
C GLN A 341 -13.40 -11.96 -7.58
N THR A 342 -14.10 -10.94 -7.07
CA THR A 342 -13.60 -10.08 -6.01
C THR A 342 -14.10 -10.68 -4.69
N MET A 343 -13.21 -10.83 -3.71
CA MET A 343 -13.48 -11.35 -2.37
C MET A 343 -13.12 -10.30 -1.31
N ILE A 344 -13.96 -10.16 -0.30
CA ILE A 344 -13.72 -9.23 0.79
C ILE A 344 -13.56 -9.97 2.09
N THR A 345 -12.66 -9.46 2.97
CA THR A 345 -12.45 -9.99 4.31
C THR A 345 -12.70 -8.86 5.27
N PHE A 346 -13.53 -9.13 6.25
CA PHE A 346 -13.83 -8.14 7.27
C PHE A 346 -13.00 -8.34 8.54
N ASP A 347 -12.44 -9.53 8.74
CA ASP A 347 -11.68 -9.94 9.92
C ASP A 347 -10.23 -10.36 9.70
N GLN A 348 -9.41 -9.48 9.09
CA GLN A 348 -8.00 -9.79 8.83
C GLN A 348 -7.75 -11.16 8.07
N GLY A 349 -8.61 -11.46 7.11
CA GLY A 349 -8.45 -12.65 6.29
C GLY A 349 -8.84 -13.92 6.96
N GLY A 350 -9.63 -13.77 8.03
CA GLY A 350 -10.14 -14.91 8.78
C GLY A 350 -11.12 -15.61 7.89
N ARG A 351 -12.15 -14.89 7.47
CA ARG A 351 -13.22 -15.32 6.58
C ARG A 351 -13.23 -14.38 5.38
N TRP A 352 -13.37 -14.99 4.15
CA TRP A 352 -13.43 -14.30 2.85
C TRP A 352 -14.80 -14.62 2.27
N THR A 353 -15.36 -13.68 1.48
CA THR A 353 -16.72 -13.80 0.93
C THR A 353 -16.96 -12.79 -0.20
N HIS A 354 -18.00 -13.01 -1.02
CA HIS A 354 -18.36 -12.09 -2.10
C HIS A 354 -18.86 -10.73 -1.58
N LEU A 355 -18.62 -9.65 -2.34
CA LEU A 355 -19.04 -8.28 -2.01
C LEU A 355 -20.53 -8.20 -2.34
N ARG A 356 -21.33 -7.70 -1.41
CA ARG A 356 -22.78 -7.59 -1.57
C ARG A 356 -23.10 -6.63 -2.71
N LYS A 357 -23.93 -7.07 -3.67
CA LYS A 357 -24.30 -6.20 -4.79
C LYS A 357 -25.20 -5.05 -4.29
N PRO A 358 -25.15 -3.84 -4.91
CA PRO A 358 -26.00 -2.73 -4.45
C PRO A 358 -27.47 -3.10 -4.51
N GLU A 359 -28.26 -2.71 -3.50
CA GLU A 359 -29.68 -3.05 -3.41
C GLU A 359 -30.40 -2.98 -4.77
N ASN A 360 -30.54 -1.74 -5.26
CA ASN A 360 -31.20 -1.42 -6.49
C ASN A 360 -30.24 -1.49 -7.68
N SER A 361 -29.71 -2.72 -7.95
CA SER A 361 -28.78 -2.96 -9.06
C SER A 361 -29.06 -4.26 -9.79
N GLU A 362 -28.97 -4.19 -11.12
CA GLU A 362 -29.21 -5.33 -11.98
C GLU A 362 -27.93 -6.08 -12.32
N CYS A 363 -28.05 -7.42 -12.38
CA CYS A 363 -26.96 -8.34 -12.69
C CYS A 363 -26.66 -8.29 -14.18
N ASP A 364 -25.38 -8.41 -14.56
CA ASP A 364 -24.95 -8.37 -15.95
C ASP A 364 -24.80 -9.75 -16.56
N ALA A 365 -24.55 -9.77 -17.89
CA ALA A 365 -24.39 -10.93 -18.78
C ALA A 365 -23.38 -11.98 -18.32
N THR A 366 -22.65 -11.67 -17.25
CA THR A 366 -21.62 -12.52 -16.66
C THR A 366 -22.26 -13.48 -15.67
N ALA A 367 -23.45 -13.07 -15.16
CA ALA A 367 -24.25 -13.75 -14.15
C ALA A 367 -25.37 -14.61 -14.67
N LYS A 368 -25.48 -15.85 -14.14
CA LYS A 368 -26.57 -16.78 -14.48
C LYS A 368 -27.93 -16.26 -13.92
N ASN A 369 -28.10 -16.10 -12.57
CA ASN A 369 -29.37 -15.54 -12.07
C ASN A 369 -29.35 -14.03 -12.29
N LYS A 370 -30.35 -13.50 -12.99
CA LYS A 370 -30.49 -12.07 -13.33
C LYS A 370 -30.89 -11.19 -12.13
N ASN A 371 -31.18 -11.84 -10.99
CA ASN A 371 -31.60 -11.20 -9.75
C ASN A 371 -30.65 -11.49 -8.55
N GLU A 372 -29.83 -12.57 -8.65
CA GLU A 372 -28.88 -13.03 -7.62
C GLU A 372 -27.38 -13.07 -8.07
N CYS A 373 -26.54 -12.12 -7.58
CA CYS A 373 -25.09 -11.99 -7.87
C CYS A 373 -24.31 -11.03 -6.88
N SER A 374 -23.02 -10.74 -7.16
CA SER A 374 -22.18 -9.87 -6.32
C SER A 374 -21.45 -8.68 -7.03
N LEU A 375 -20.78 -7.79 -6.22
CA LEU A 375 -19.98 -6.67 -6.71
C LEU A 375 -18.56 -7.14 -6.89
N HIS A 376 -17.93 -6.73 -7.98
CA HIS A 376 -16.57 -7.08 -8.36
C HIS A 376 -15.79 -5.79 -8.55
N ILE A 377 -14.52 -5.78 -8.17
CA ILE A 377 -13.76 -4.54 -8.22
C ILE A 377 -12.64 -4.59 -9.21
N HIS A 378 -12.49 -3.48 -9.96
CA HIS A 378 -11.43 -3.26 -10.94
C HIS A 378 -10.31 -2.60 -10.12
N ALA A 379 -9.14 -3.22 -10.13
CA ALA A 379 -7.94 -2.78 -9.44
C ALA A 379 -6.77 -3.02 -10.42
N SER A 380 -5.50 -3.04 -9.92
CA SER A 380 -4.25 -3.20 -10.70
C SER A 380 -4.35 -4.11 -11.92
N TYR A 381 -4.89 -5.32 -11.75
CA TYR A 381 -5.03 -6.28 -12.83
C TYR A 381 -5.93 -5.77 -13.94
N SER A 382 -7.15 -5.27 -13.59
CA SER A 382 -8.07 -4.75 -14.60
C SER A 382 -7.35 -3.69 -15.38
N ILE A 383 -6.77 -2.69 -14.69
CA ILE A 383 -5.99 -1.58 -15.24
C ILE A 383 -4.94 -2.09 -16.22
N SER A 384 -4.16 -3.13 -15.80
CA SER A 384 -3.10 -3.75 -16.58
C SER A 384 -3.58 -4.35 -17.90
N GLN A 385 -4.85 -4.76 -17.99
CA GLN A 385 -5.40 -5.38 -19.20
C GLN A 385 -6.00 -4.37 -20.15
N LYS A 386 -5.54 -3.11 -20.06
CA LYS A 386 -6.02 -1.99 -20.89
C LYS A 386 -7.57 -1.94 -20.91
N LEU A 387 -8.16 -2.37 -19.78
CA LEU A 387 -9.58 -2.34 -19.51
C LEU A 387 -9.79 -0.83 -19.20
N ASN A 388 -10.98 -0.29 -19.49
CA ASN A 388 -11.28 1.12 -19.30
C ASN A 388 -11.40 1.56 -17.84
N VAL A 389 -10.33 1.41 -17.06
CA VAL A 389 -10.26 1.76 -15.62
C VAL A 389 -9.27 2.92 -15.41
N PRO A 390 -9.75 4.14 -15.18
CA PRO A 390 -8.82 5.25 -14.99
C PRO A 390 -8.19 5.32 -13.58
N MET A 391 -8.82 4.64 -12.57
CA MET A 391 -8.43 4.62 -11.16
C MET A 391 -8.72 3.34 -10.40
N ALA A 392 -7.77 2.95 -9.52
CA ALA A 392 -7.90 1.74 -8.68
C ALA A 392 -8.78 2.05 -7.48
N PRO A 393 -9.27 1.08 -6.66
CA PRO A 393 -10.09 1.48 -5.50
C PRO A 393 -9.37 2.43 -4.55
N LEU A 394 -10.12 3.39 -3.97
CA LEU A 394 -9.55 4.37 -3.06
C LEU A 394 -10.30 4.51 -1.81
N SER A 395 -9.57 4.40 -0.70
CA SER A 395 -10.07 4.55 0.66
C SER A 395 -8.99 5.31 1.43
N GLU A 396 -9.41 6.21 2.34
CA GLU A 396 -8.52 7.02 3.18
C GLU A 396 -8.78 6.72 4.67
N PRO A 397 -7.73 6.56 5.52
CA PRO A 397 -7.97 6.20 6.95
C PRO A 397 -8.72 7.22 7.81
N ASN A 398 -8.64 8.53 7.48
CA ASN A 398 -9.33 9.62 8.21
C ASN A 398 -10.84 9.70 7.85
N ALA A 399 -11.21 9.21 6.65
CA ALA A 399 -12.57 9.16 6.13
C ALA A 399 -13.17 7.80 6.43
N VAL A 400 -13.53 7.58 7.70
CA VAL A 400 -14.11 6.32 8.21
C VAL A 400 -15.21 5.70 7.31
N GLY A 401 -15.02 4.42 6.95
CA GLY A 401 -15.94 3.59 6.16
C GLY A 401 -16.03 3.79 4.66
N ILE A 402 -15.61 4.94 4.15
CA ILE A 402 -15.67 5.26 2.73
C ILE A 402 -14.69 4.47 1.91
N VAL A 403 -15.21 3.78 0.87
CA VAL A 403 -14.42 3.03 -0.15
C VAL A 403 -14.97 3.42 -1.53
N ILE A 404 -14.10 3.83 -2.43
CA ILE A 404 -14.54 4.21 -3.80
C ILE A 404 -13.85 3.34 -4.85
N ALA A 405 -14.61 2.77 -5.81
CA ALA A 405 -14.03 1.90 -6.86
C ALA A 405 -14.88 1.70 -8.10
N HIS A 406 -14.24 1.37 -9.21
CA HIS A 406 -14.89 1.05 -10.47
C HIS A 406 -15.15 -0.43 -10.35
N GLY A 407 -16.41 -0.81 -10.50
CA GLY A 407 -16.75 -2.21 -10.41
C GLY A 407 -17.77 -2.64 -11.42
N SER A 408 -18.18 -3.90 -11.33
CA SER A 408 -19.21 -4.54 -12.15
C SER A 408 -20.02 -5.52 -11.28
N VAL A 409 -21.36 -5.37 -11.33
CA VAL A 409 -22.33 -6.21 -10.60
C VAL A 409 -22.57 -7.45 -11.51
N GLY A 410 -22.26 -8.64 -11.01
CA GLY A 410 -22.41 -9.89 -11.74
C GLY A 410 -21.66 -11.02 -11.09
N ASP A 411 -21.47 -12.13 -11.81
CA ASP A 411 -20.78 -13.31 -11.29
C ASP A 411 -19.26 -13.21 -11.37
N ALA A 412 -18.70 -12.33 -12.23
CA ALA A 412 -17.25 -12.14 -12.30
C ALA A 412 -16.91 -10.71 -12.77
N ILE A 413 -15.59 -10.39 -12.84
CA ILE A 413 -15.14 -9.08 -13.35
C ILE A 413 -15.45 -9.11 -14.87
N SER A 414 -16.20 -8.07 -15.31
CA SER A 414 -16.61 -7.88 -16.69
C SER A 414 -15.81 -6.80 -17.45
N VAL A 415 -15.49 -7.11 -18.72
CA VAL A 415 -14.76 -6.28 -19.68
C VAL A 415 -15.51 -5.03 -20.00
N MET A 416 -16.84 -4.98 -19.76
CA MET A 416 -17.69 -3.81 -20.06
C MET A 416 -17.15 -2.50 -19.42
N VAL A 417 -17.61 -1.34 -19.91
CA VAL A 417 -17.19 -0.02 -19.42
C VAL A 417 -17.77 0.21 -17.99
N PRO A 418 -16.86 0.24 -16.98
CA PRO A 418 -17.32 0.33 -15.58
C PRO A 418 -17.95 1.61 -15.08
N ASP A 419 -18.92 1.44 -14.17
CA ASP A 419 -19.54 2.56 -13.48
C ASP A 419 -18.75 2.64 -12.18
N VAL A 420 -18.98 3.67 -11.37
CA VAL A 420 -18.26 3.84 -10.11
C VAL A 420 -19.19 3.49 -8.95
N TYR A 421 -18.69 2.75 -7.96
CA TYR A 421 -19.45 2.33 -6.77
C TYR A 421 -18.79 2.85 -5.47
N ILE A 422 -19.62 3.19 -4.50
CA ILE A 422 -19.20 3.66 -3.20
C ILE A 422 -19.77 2.77 -2.05
N SER A 423 -19.06 2.80 -0.91
CA SER A 423 -19.44 2.14 0.34
C SER A 423 -19.13 3.16 1.37
N ASP A 424 -19.97 3.21 2.38
CA ASP A 424 -19.87 4.11 3.51
C ASP A 424 -19.61 3.30 4.78
N ASP A 425 -19.71 1.96 4.76
CA ASP A 425 -19.49 1.15 5.95
C ASP A 425 -18.32 0.15 5.86
N GLY A 426 -17.34 0.49 5.03
CA GLY A 426 -16.13 -0.29 4.79
C GLY A 426 -16.27 -1.54 3.93
N GLY A 427 -17.24 -1.57 3.03
CA GLY A 427 -17.43 -2.70 2.13
C GLY A 427 -18.52 -3.69 2.50
N TYR A 428 -19.30 -3.40 3.54
CA TYR A 428 -20.37 -4.30 3.91
C TYR A 428 -21.52 -4.06 2.89
N SER A 429 -21.86 -2.78 2.64
CA SER A 429 -22.92 -2.35 1.71
C SER A 429 -22.40 -1.42 0.63
N TRP A 430 -22.90 -1.60 -0.60
CA TRP A 430 -22.48 -0.78 -1.73
C TRP A 430 -23.65 -0.06 -2.43
N THR A 431 -23.30 0.92 -3.28
CA THR A 431 -24.22 1.80 -4.03
C THR A 431 -23.47 2.44 -5.22
N LYS A 432 -24.10 2.44 -6.43
CA LYS A 432 -23.48 3.09 -7.61
C LYS A 432 -23.32 4.61 -7.33
N MET A 433 -22.07 5.08 -7.26
CA MET A 433 -21.79 6.48 -6.98
C MET A 433 -22.05 7.37 -8.20
N LEU A 434 -21.46 7.01 -9.35
CA LEU A 434 -21.60 7.71 -10.62
C LEU A 434 -21.58 6.68 -11.74
N GLU A 435 -22.27 6.99 -12.83
CA GLU A 435 -22.32 6.08 -13.98
C GLU A 435 -21.09 6.38 -14.81
N GLY A 436 -20.49 5.34 -15.38
CA GLY A 436 -19.28 5.44 -16.20
C GLY A 436 -17.98 5.76 -15.46
N PRO A 437 -16.81 5.52 -16.08
CA PRO A 437 -15.55 5.81 -15.36
C PRO A 437 -15.36 7.27 -14.94
N HIS A 438 -14.57 7.45 -13.87
CA HIS A 438 -14.24 8.74 -13.28
C HIS A 438 -12.95 8.66 -12.51
N TYR A 439 -12.34 9.82 -12.27
CA TYR A 439 -11.16 9.99 -11.44
C TYR A 439 -11.78 10.60 -10.14
N TYR A 440 -11.53 9.97 -8.98
CA TYR A 440 -12.07 10.41 -7.68
C TYR A 440 -10.97 10.79 -6.62
N THR A 441 -11.37 11.63 -5.63
CA THR A 441 -10.53 12.14 -4.55
C THR A 441 -11.34 12.45 -3.30
N ILE A 442 -10.78 12.13 -2.10
CA ILE A 442 -11.39 12.41 -0.80
C ILE A 442 -10.70 13.62 -0.20
N LEU A 443 -11.49 14.65 0.11
CA LEU A 443 -11.03 15.91 0.70
C LEU A 443 -11.68 16.08 2.05
N ASP A 444 -11.05 16.90 2.90
CA ASP A 444 -11.48 17.18 4.26
C ASP A 444 -12.06 15.97 5.01
N SER A 445 -11.32 14.86 5.10
CA SER A 445 -11.69 13.62 5.81
C SER A 445 -13.15 13.18 5.55
N GLY A 446 -13.51 13.09 4.27
CA GLY A 446 -14.84 12.71 3.85
C GLY A 446 -15.85 13.85 3.81
N GLY A 447 -15.33 15.06 3.93
CA GLY A 447 -16.12 16.29 3.89
C GLY A 447 -16.59 16.55 2.48
N ILE A 448 -15.65 16.36 1.50
CA ILE A 448 -15.87 16.56 0.08
C ILE A 448 -15.32 15.35 -0.68
N ILE A 449 -16.13 14.82 -1.61
CA ILE A 449 -15.73 13.77 -2.53
C ILE A 449 -15.78 14.51 -3.86
N VAL A 450 -14.73 14.40 -4.66
CA VAL A 450 -14.62 15.11 -5.92
C VAL A 450 -14.43 14.10 -7.04
N ALA A 451 -15.11 14.35 -8.20
CA ALA A 451 -15.05 13.48 -9.39
C ALA A 451 -14.85 14.24 -10.73
N ILE A 452 -14.26 13.56 -11.72
CA ILE A 452 -13.96 14.02 -13.07
C ILE A 452 -14.25 12.84 -13.99
N GLU A 453 -15.05 13.05 -15.06
CA GLU A 453 -15.41 12.00 -16.01
C GLU A 453 -14.20 11.51 -16.78
N HIS A 454 -14.17 10.20 -17.14
CA HIS A 454 -13.08 9.65 -17.91
C HIS A 454 -13.50 9.61 -19.38
N SER A 455 -13.48 10.80 -19.99
CA SER A 455 -13.85 11.03 -21.39
C SER A 455 -12.66 10.83 -22.30
N SER A 456 -12.94 10.43 -23.55
CA SER A 456 -11.88 10.24 -24.55
C SER A 456 -11.63 11.59 -25.29
N ARG A 457 -12.47 12.60 -24.97
CA ARG A 457 -12.42 13.95 -25.52
C ARG A 457 -12.30 15.02 -24.40
N PRO A 458 -11.91 16.30 -24.66
CA PRO A 458 -11.77 17.29 -23.57
C PRO A 458 -12.98 17.49 -22.66
N ILE A 459 -12.72 17.96 -21.43
CA ILE A 459 -13.71 18.23 -20.39
C ILE A 459 -13.41 19.59 -19.77
N ASN A 460 -14.41 20.18 -19.08
CA ASN A 460 -14.29 21.47 -18.41
C ASN A 460 -15.07 21.50 -17.10
N VAL A 461 -15.60 20.33 -16.68
CA VAL A 461 -16.41 20.20 -15.45
C VAL A 461 -15.84 19.21 -14.39
N ILE A 462 -16.06 19.56 -13.12
CA ILE A 462 -15.69 18.77 -11.95
C ILE A 462 -16.98 18.55 -11.15
N LYS A 463 -17.26 17.31 -10.83
CA LYS A 463 -18.42 16.94 -10.04
C LYS A 463 -17.96 16.90 -8.57
N PHE A 464 -18.82 17.29 -7.61
CA PHE A 464 -18.46 17.26 -6.19
C PHE A 464 -19.66 16.85 -5.31
N SER A 465 -19.39 16.23 -4.14
CA SER A 465 -20.42 15.77 -3.20
C SER A 465 -20.08 16.14 -1.77
N THR A 466 -21.10 16.49 -0.96
CA THR A 466 -20.88 16.88 0.44
C THR A 466 -21.67 15.98 1.38
N ASP A 467 -22.22 14.90 0.81
CA ASP A 467 -23.03 13.94 1.55
C ASP A 467 -22.54 12.50 1.34
N GLU A 468 -21.19 12.35 1.23
CA GLU A 468 -20.46 11.10 1.07
C GLU A 468 -20.93 10.30 -0.17
N GLY A 469 -20.91 10.98 -1.31
CA GLY A 469 -21.30 10.43 -2.61
C GLY A 469 -22.75 10.02 -2.84
N GLN A 470 -23.69 10.57 -2.07
CA GLN A 470 -25.11 10.26 -2.22
C GLN A 470 -25.76 11.22 -3.25
N CYS A 471 -25.30 12.50 -3.25
CA CYS A 471 -25.77 13.57 -4.14
C CYS A 471 -24.64 14.40 -4.67
N TRP A 472 -24.62 14.53 -5.98
CA TRP A 472 -23.56 15.25 -6.69
C TRP A 472 -24.01 16.55 -7.32
N GLN A 473 -23.04 17.43 -7.62
CA GLN A 473 -23.24 18.76 -8.24
C GLN A 473 -22.14 19.06 -9.24
N THR A 474 -22.56 19.40 -10.45
CA THR A 474 -21.69 19.73 -11.57
C THR A 474 -21.21 21.17 -11.42
N TYR A 475 -19.95 21.46 -11.80
CA TYR A 475 -19.36 22.80 -11.75
C TYR A 475 -18.37 23.01 -12.89
N THR A 476 -18.57 24.06 -13.69
CA THR A 476 -17.67 24.40 -14.78
C THR A 476 -16.51 25.20 -14.19
N PHE A 477 -15.29 24.71 -14.41
CA PHE A 477 -14.14 25.41 -13.85
C PHE A 477 -13.41 26.22 -14.90
N THR A 478 -13.65 25.93 -16.19
CA THR A 478 -12.98 26.64 -17.28
C THR A 478 -13.87 26.85 -18.49
N ARG A 479 -13.59 27.94 -19.24
CA ARG A 479 -14.25 28.31 -20.49
C ARG A 479 -13.69 27.39 -21.58
N ASP A 480 -12.36 27.24 -21.61
CA ASP A 480 -11.61 26.44 -22.57
C ASP A 480 -11.32 25.04 -22.01
N PRO A 481 -12.08 23.98 -22.46
CA PRO A 481 -11.85 22.62 -21.92
C PRO A 481 -10.46 22.05 -22.15
N ILE A 482 -10.11 21.02 -21.36
CA ILE A 482 -8.81 20.33 -21.44
C ILE A 482 -8.91 18.83 -21.49
N TYR A 483 -7.86 18.18 -22.04
CA TYR A 483 -7.69 16.74 -22.14
C TYR A 483 -7.14 16.34 -20.77
N PHE A 484 -8.06 16.01 -19.82
CA PHE A 484 -7.75 15.65 -18.45
C PHE A 484 -6.76 14.52 -18.37
N THR A 485 -5.75 14.70 -17.52
CA THR A 485 -4.69 13.72 -17.33
C THR A 485 -4.75 13.08 -15.90
N GLY A 486 -4.90 13.90 -14.85
CA GLY A 486 -4.97 13.43 -13.47
C GLY A 486 -5.33 14.49 -12.45
N LEU A 487 -5.47 14.07 -11.18
CA LEU A 487 -5.78 14.96 -10.03
C LEU A 487 -4.59 15.00 -9.08
N ALA A 488 -4.53 16.01 -8.22
CA ALA A 488 -3.48 16.16 -7.20
C ALA A 488 -4.13 16.82 -6.00
N SER A 489 -3.91 16.23 -4.82
CA SER A 489 -4.45 16.72 -3.55
C SER A 489 -3.42 16.37 -2.52
N GLU A 490 -3.37 17.14 -1.43
CA GLU A 490 -2.37 16.93 -0.40
C GLU A 490 -2.65 15.62 0.29
N PRO A 491 -1.62 14.72 0.31
CA PRO A 491 -1.76 13.40 0.96
C PRO A 491 -2.31 13.54 2.36
N GLY A 492 -3.08 12.55 2.76
CA GLY A 492 -3.74 12.56 4.05
C GLY A 492 -5.22 12.93 3.96
N ALA A 493 -5.70 13.41 2.78
CA ALA A 493 -7.11 13.79 2.54
C ALA A 493 -7.63 14.73 3.61
N ARG A 494 -6.88 15.83 3.87
CA ARG A 494 -7.22 16.83 4.87
C ARG A 494 -7.46 18.20 4.28
N SER A 495 -6.80 18.53 3.14
CA SER A 495 -6.98 19.81 2.47
C SER A 495 -8.37 19.95 1.80
N MET A 496 -8.65 21.12 1.17
CA MET A 496 -9.89 21.40 0.43
C MET A 496 -9.50 22.00 -0.89
N ASN A 497 -8.22 21.78 -1.19
CA ASN A 497 -7.53 22.17 -2.39
C ASN A 497 -7.25 20.93 -3.24
N ILE A 498 -7.83 20.92 -4.46
CA ILE A 498 -7.71 19.90 -5.51
C ILE A 498 -7.14 20.52 -6.81
N SER A 499 -6.09 19.95 -7.37
CA SER A 499 -5.46 20.41 -8.59
C SER A 499 -5.89 19.52 -9.76
N ILE A 500 -6.57 20.09 -10.76
CA ILE A 500 -7.01 19.34 -11.96
C ILE A 500 -5.89 19.51 -12.98
N TRP A 501 -5.42 18.45 -13.60
CA TRP A 501 -4.35 18.59 -14.59
C TRP A 501 -4.73 18.02 -15.96
N GLY A 502 -4.29 18.73 -16.98
CA GLY A 502 -4.51 18.35 -18.37
C GLY A 502 -3.67 19.18 -19.32
N PHE A 503 -4.06 19.16 -20.59
CA PHE A 503 -3.39 19.89 -21.66
C PHE A 503 -4.40 20.28 -22.75
N THR A 504 -4.34 21.55 -23.19
CA THR A 504 -5.20 22.19 -24.21
C THR A 504 -5.05 21.54 -25.59
N GLU A 505 -6.11 21.63 -26.43
CA GLU A 505 -6.22 21.13 -27.80
C GLU A 505 -5.23 21.82 -28.79
N SER A 506 -4.62 21.02 -29.71
CA SER A 506 -3.66 21.52 -30.70
C SER A 506 -4.25 21.52 -32.11
N THR A 509 0.67 21.80 -31.13
CA THR A 509 0.79 23.03 -30.35
C THR A 509 0.02 22.98 -28.98
N SER A 510 0.26 21.90 -28.21
CA SER A 510 -0.33 21.63 -26.89
C SER A 510 0.51 22.26 -25.77
N GLN A 511 -0.15 22.57 -24.64
CA GLN A 511 0.44 23.16 -23.43
C GLN A 511 -0.30 22.71 -22.16
N TRP A 512 0.43 22.12 -21.18
CA TRP A 512 -0.12 21.63 -19.92
C TRP A 512 -0.60 22.75 -19.00
N VAL A 513 -1.73 22.52 -18.29
CA VAL A 513 -2.36 23.50 -17.38
C VAL A 513 -3.00 22.82 -16.14
N SER A 514 -3.11 23.55 -15.02
CA SER A 514 -3.67 23.02 -13.80
C SER A 514 -4.54 24.03 -13.01
N TYR A 515 -5.86 23.84 -13.13
CA TYR A 515 -6.86 24.65 -12.43
C TYR A 515 -7.03 24.02 -11.03
N THR A 516 -6.82 24.83 -9.97
CA THR A 516 -6.89 24.40 -8.58
C THR A 516 -8.01 25.06 -7.80
N ILE A 517 -9.07 24.32 -7.54
CA ILE A 517 -10.22 24.81 -6.79
C ILE A 517 -10.05 24.66 -5.27
N ASP A 518 -10.43 25.72 -4.52
CA ASP A 518 -10.42 25.70 -3.06
C ASP A 518 -11.91 25.70 -2.64
N PHE A 519 -12.30 24.69 -1.86
CA PHE A 519 -13.66 24.49 -1.35
C PHE A 519 -13.86 25.12 0.01
N LYS A 520 -13.02 26.13 0.38
CA LYS A 520 -13.12 26.82 1.67
C LYS A 520 -14.43 27.56 1.84
N ASP A 521 -14.96 28.13 0.75
CA ASP A 521 -16.18 28.90 0.85
C ASP A 521 -17.42 28.07 0.79
N ILE A 522 -17.32 26.82 0.27
CA ILE A 522 -18.44 25.89 0.21
C ILE A 522 -18.75 25.41 1.64
N LEU A 523 -17.69 25.02 2.39
CA LEU A 523 -17.80 24.57 3.78
C LEU A 523 -17.33 25.73 4.66
N GLU A 524 -18.02 26.89 4.52
CA GLU A 524 -17.73 28.12 5.26
C GLU A 524 -17.94 27.93 6.79
N ARG A 525 -18.80 26.95 7.17
CA ARG A 525 -19.08 26.62 8.57
C ARG A 525 -18.16 25.50 9.04
N ASN A 526 -17.49 25.70 10.18
CA ASN A 526 -16.65 24.67 10.77
C ASN A 526 -17.56 23.71 11.57
N CYS A 527 -17.33 22.40 11.42
CA CYS A 527 -18.11 21.37 12.10
C CYS A 527 -17.99 21.53 13.61
N GLU A 528 -19.07 21.19 14.29
CA GLU A 528 -19.14 21.23 15.73
C GLU A 528 -19.89 19.99 16.18
N GLU A 529 -19.72 19.64 17.47
CA GLU A 529 -20.25 18.48 18.17
C GLU A 529 -21.57 17.92 17.64
N LYS A 530 -22.55 18.78 17.28
CA LYS A 530 -23.88 18.38 16.77
C LYS A 530 -23.86 17.70 15.44
N ASP A 531 -22.93 18.12 14.56
CA ASP A 531 -22.79 17.58 13.20
C ASP A 531 -22.42 16.06 13.13
N TYR A 532 -21.88 15.49 14.22
CA TYR A 532 -21.50 14.10 14.29
C TYR A 532 -22.51 13.25 15.00
N THR A 533 -22.68 12.04 14.45
CA THR A 533 -23.54 10.98 14.94
C THR A 533 -22.70 9.76 15.32
N ILE A 534 -23.31 8.84 16.07
CA ILE A 534 -22.75 7.58 16.57
C ILE A 534 -22.80 6.48 15.51
N TRP A 535 -21.68 5.73 15.36
CA TRP A 535 -21.60 4.64 14.42
C TRP A 535 -20.84 3.43 14.95
N LEU A 536 -21.51 2.27 15.02
CA LEU A 536 -20.86 1.03 15.46
C LEU A 536 -20.29 0.32 14.24
N ALA A 537 -18.96 0.37 14.09
CA ALA A 537 -18.22 -0.28 13.03
C ALA A 537 -18.51 -1.79 13.07
N HIS A 538 -18.65 -2.41 11.88
CA HIS A 538 -18.86 -3.85 11.69
C HIS A 538 -20.19 -4.41 12.20
N SER A 539 -21.24 -3.58 12.30
CA SER A 539 -22.58 -4.00 12.74
C SER A 539 -23.21 -4.92 11.68
N THR A 540 -23.81 -6.03 12.15
CA THR A 540 -24.46 -7.11 11.39
C THR A 540 -25.85 -7.39 11.95
N ASP A 541 -25.94 -7.65 13.27
CA ASP A 541 -27.20 -7.89 14.00
C ASP A 541 -27.20 -7.02 15.28
N PRO A 542 -27.84 -5.81 15.28
CA PRO A 542 -27.79 -4.96 16.50
C PRO A 542 -28.41 -5.58 17.76
N GLU A 543 -29.27 -6.60 17.59
CA GLU A 543 -29.90 -7.34 18.68
C GLU A 543 -28.81 -8.06 19.50
N ASP A 544 -27.82 -8.65 18.81
CA ASP A 544 -26.71 -9.40 19.41
C ASP A 544 -25.76 -8.55 20.23
N TYR A 545 -25.40 -9.08 21.41
CA TYR A 545 -24.49 -8.50 22.38
C TYR A 545 -23.08 -8.41 21.79
N GLU A 546 -22.67 -9.46 21.06
CA GLU A 546 -21.35 -9.54 20.45
C GLU A 546 -21.28 -8.88 19.05
N ASP A 547 -22.26 -8.01 18.71
CA ASP A 547 -22.29 -7.37 17.39
C ASP A 547 -21.25 -6.28 17.24
N GLY A 548 -20.44 -6.40 16.19
CA GLY A 548 -19.41 -5.43 15.88
C GLY A 548 -18.08 -5.87 16.42
N CYS A 549 -18.07 -7.05 17.09
CA CYS A 549 -16.89 -7.70 17.67
C CYS A 549 -16.02 -8.22 16.51
N ILE A 550 -14.94 -7.50 16.18
CA ILE A 550 -14.02 -7.90 15.14
C ILE A 550 -12.67 -7.93 15.78
N LEU A 551 -12.04 -9.10 15.74
CA LEU A 551 -10.73 -9.33 16.32
C LEU A 551 -10.70 -9.02 17.81
N GLY A 552 -11.73 -9.50 18.50
CA GLY A 552 -11.84 -9.35 19.93
C GLY A 552 -12.46 -8.08 20.47
N TYR A 553 -12.54 -7.00 19.68
CA TYR A 553 -13.15 -5.82 20.25
C TYR A 553 -14.13 -5.13 19.31
N LYS A 554 -14.72 -4.00 19.75
CA LYS A 554 -15.68 -3.19 18.99
C LYS A 554 -15.09 -1.82 18.87
N GLU A 555 -15.74 -0.94 18.08
CA GLU A 555 -15.34 0.43 17.91
C GLU A 555 -16.60 1.23 17.57
N GLN A 556 -16.88 2.31 18.39
CA GLN A 556 -18.03 3.21 18.16
C GLN A 556 -17.38 4.49 17.73
N PHE A 557 -17.86 5.00 16.62
CA PHE A 557 -17.32 6.20 15.98
C PHE A 557 -18.23 7.38 16.07
N LEU A 558 -17.65 8.57 15.89
CA LEU A 558 -18.40 9.79 15.78
C LEU A 558 -18.13 10.22 14.35
N ARG A 559 -19.17 10.16 13.54
CA ARG A 559 -19.10 10.46 12.12
C ARG A 559 -20.01 11.59 11.77
N LEU A 560 -19.50 12.48 10.95
CA LEU A 560 -20.21 13.61 10.42
C LEU A 560 -21.43 13.07 9.67
N ARG A 561 -22.59 13.70 9.88
CA ARG A 561 -23.87 13.36 9.25
C ARG A 561 -23.83 13.55 7.72
N LYS A 562 -24.50 12.65 6.98
CA LYS A 562 -24.59 12.78 5.51
C LYS A 562 -25.23 14.18 5.30
N SER A 563 -26.23 14.49 6.16
CA SER A 563 -27.04 15.70 6.33
C SER A 563 -26.12 16.95 6.50
N SER A 564 -25.31 16.99 7.58
CA SER A 564 -24.37 18.07 7.87
C SER A 564 -23.40 18.34 6.72
N MET A 565 -23.23 19.63 6.37
CA MET A 565 -22.32 20.02 5.29
C MET A 565 -21.41 21.16 5.75
N CYS A 566 -20.36 20.76 6.45
CA CYS A 566 -19.39 21.63 7.09
C CYS A 566 -17.96 21.10 6.93
N GLN A 567 -16.98 21.89 7.39
CA GLN A 567 -15.55 21.58 7.32
C GLN A 567 -15.08 20.89 8.62
N ASN A 568 -14.56 19.63 8.52
CA ASN A 568 -14.02 18.83 9.62
C ASN A 568 -12.74 19.48 10.12
N GLY A 569 -12.05 20.16 9.20
CA GLY A 569 -10.81 20.88 9.50
C GLY A 569 -9.58 20.00 9.52
N ARG A 570 -8.43 20.60 9.21
CA ARG A 570 -7.12 19.95 9.18
C ARG A 570 -6.76 19.32 10.54
N ASP A 571 -7.34 19.83 11.63
CA ASP A 571 -7.08 19.31 12.97
C ASP A 571 -8.00 18.12 13.36
N TYR A 572 -8.89 17.66 12.42
CA TYR A 572 -9.86 16.59 12.65
C TYR A 572 -9.25 15.33 13.16
N VAL A 573 -9.81 14.85 14.27
CA VAL A 573 -9.36 13.64 14.93
C VAL A 573 -10.54 12.69 14.97
N VAL A 574 -10.35 11.53 14.33
CA VAL A 574 -11.40 10.53 14.30
C VAL A 574 -11.53 10.06 15.74
N THR A 575 -12.73 10.19 16.30
CA THR A 575 -12.94 9.77 17.67
C THR A 575 -13.66 8.42 17.64
N LYS A 576 -12.97 7.44 18.22
CA LYS A 576 -13.45 6.05 18.30
C LYS A 576 -13.38 5.58 19.75
N GLN A 577 -14.06 4.46 20.06
CA GLN A 577 -14.06 3.94 21.40
C GLN A 577 -14.18 2.43 21.43
N PRO A 578 -13.16 1.77 21.98
CA PRO A 578 -13.17 0.32 21.99
C PRO A 578 -14.11 -0.28 23.00
N SER A 579 -14.66 -1.45 22.69
CA SER A 579 -15.50 -2.18 23.62
C SER A 579 -14.88 -3.58 23.61
N ILE A 580 -14.18 -3.95 24.68
CA ILE A 580 -13.51 -5.24 24.75
C ILE A 580 -14.48 -6.40 24.87
N CYS A 581 -14.42 -7.34 23.93
CA CYS A 581 -15.32 -8.47 23.94
C CYS A 581 -14.76 -9.65 24.67
N LEU A 582 -15.64 -10.60 24.91
CA LEU A 582 -15.27 -11.83 25.56
C LEU A 582 -14.65 -12.77 24.54
N CYS A 583 -13.51 -13.41 24.91
CA CYS A 583 -12.80 -14.39 24.09
C CYS A 583 -13.67 -15.60 23.91
N SER A 584 -13.63 -16.14 22.71
CA SER A 584 -14.31 -17.36 22.27
C SER A 584 -13.21 -18.15 21.51
N LEU A 585 -13.51 -19.37 21.03
CA LEU A 585 -12.49 -20.13 20.28
C LEU A 585 -12.09 -19.38 19.00
N GLU A 586 -13.06 -18.64 18.44
CA GLU A 586 -13.03 -17.78 17.28
C GLU A 586 -11.93 -16.71 17.28
N ASP A 587 -11.26 -16.50 18.41
CA ASP A 587 -10.19 -15.50 18.56
C ASP A 587 -8.83 -16.21 18.54
N PHE A 588 -8.88 -17.49 18.20
CA PHE A 588 -7.68 -18.29 18.16
C PHE A 588 -7.48 -18.99 16.84
N LEU A 589 -6.20 -19.05 16.46
CA LEU A 589 -5.75 -19.77 15.28
C LEU A 589 -5.09 -21.04 15.86
N CYS A 590 -5.11 -22.15 15.10
CA CYS A 590 -4.46 -23.40 15.49
C CYS A 590 -2.96 -23.16 15.38
N ASP A 591 -2.19 -23.46 16.46
CA ASP A 591 -0.74 -23.31 16.48
C ASP A 591 -0.22 -24.43 15.56
N PHE A 592 1.10 -24.68 15.56
CA PHE A 592 1.63 -25.73 14.71
C PHE A 592 1.18 -27.11 15.13
N GLY A 593 0.79 -27.91 14.14
CA GLY A 593 0.35 -29.27 14.36
C GLY A 593 -1.11 -29.45 14.70
N TYR A 594 -1.91 -28.38 14.59
CA TYR A 594 -3.33 -28.49 14.91
C TYR A 594 -4.16 -28.10 13.70
N TYR A 595 -5.42 -28.58 13.63
CA TYR A 595 -6.31 -28.29 12.51
C TYR A 595 -7.79 -28.22 12.91
N ARG A 596 -8.60 -27.52 12.10
CA ARG A 596 -10.02 -27.33 12.30
C ARG A 596 -10.85 -28.14 11.29
N PRO A 597 -11.32 -29.35 11.69
CA PRO A 597 -12.15 -30.12 10.75
C PRO A 597 -13.60 -29.66 10.84
N GLU A 598 -14.43 -29.96 9.81
CA GLU A 598 -15.86 -29.60 9.70
C GLU A 598 -16.12 -28.08 10.00
N ASN A 599 -17.35 -27.72 10.47
CA ASN A 599 -17.73 -26.34 10.82
C ASN A 599 -17.10 -25.96 12.18
N ASP A 600 -16.85 -26.98 13.03
CA ASP A 600 -16.28 -26.93 14.40
C ASP A 600 -15.07 -26.00 14.53
N SER A 601 -15.09 -25.17 15.60
CA SER A 601 -14.06 -24.18 15.93
C SER A 601 -12.95 -24.73 16.86
N LYS A 602 -13.05 -25.99 17.30
CA LYS A 602 -12.07 -26.63 18.17
C LYS A 602 -10.86 -27.12 17.34
N CYS A 603 -9.64 -26.73 17.79
CA CYS A 603 -8.36 -27.10 17.17
C CYS A 603 -7.97 -28.48 17.63
N VAL A 604 -8.07 -29.47 16.71
CA VAL A 604 -7.72 -30.88 16.95
C VAL A 604 -6.31 -31.18 16.47
N GLU A 605 -5.59 -32.03 17.22
CA GLU A 605 -4.23 -32.46 16.91
C GLU A 605 -4.25 -33.24 15.60
N GLN A 606 -3.23 -33.00 14.76
CA GLN A 606 -3.06 -33.64 13.44
C GLN A 606 -2.86 -35.17 13.53
N PRO A 607 -3.52 -35.98 12.65
CA PRO A 607 -3.34 -37.44 12.70
C PRO A 607 -1.92 -37.80 12.26
N GLU A 608 -1.43 -37.07 11.24
CA GLU A 608 -0.11 -37.17 10.65
C GLU A 608 0.21 -35.88 9.86
N LEU A 609 1.44 -35.34 10.07
CA LEU A 609 1.95 -34.12 9.43
C LEU A 609 2.60 -34.38 8.06
N LYS A 610 1.91 -33.98 6.99
CA LYS A 610 2.41 -34.15 5.63
C LYS A 610 3.12 -32.88 5.16
N GLY A 611 3.33 -32.75 3.84
CA GLY A 611 3.97 -31.66 3.12
C GLY A 611 5.00 -30.84 3.86
N HIS A 612 4.80 -29.52 3.84
CA HIS A 612 5.68 -28.55 4.49
C HIS A 612 5.49 -28.54 6.00
N ASP A 613 4.45 -29.22 6.51
CA ASP A 613 4.22 -29.31 7.96
C ASP A 613 5.27 -30.24 8.48
N LEU A 614 5.57 -31.32 7.73
CA LEU A 614 6.57 -32.32 8.04
C LEU A 614 7.96 -31.70 7.88
N GLU A 615 8.14 -30.88 6.82
CA GLU A 615 9.40 -30.20 6.58
C GLU A 615 9.80 -29.42 7.81
N PHE A 616 8.84 -28.65 8.37
CA PHE A 616 9.01 -27.83 9.57
C PHE A 616 9.19 -28.76 10.77
N CYS A 617 8.34 -29.83 10.88
CA CYS A 617 8.35 -30.87 11.93
C CYS A 617 9.75 -31.47 12.13
N LEU A 618 10.54 -31.51 11.04
CA LEU A 618 11.90 -32.01 11.00
C LEU A 618 12.89 -30.87 11.19
N TYR A 619 13.14 -30.10 10.12
CA TYR A 619 14.07 -28.97 9.98
C TYR A 619 13.78 -27.68 10.80
N GLY A 620 12.70 -27.66 11.59
CA GLY A 620 12.30 -26.51 12.43
C GLY A 620 13.07 -26.27 13.71
N ARG A 621 12.36 -25.87 14.83
CA ARG A 621 12.99 -25.60 16.13
C ARG A 621 12.04 -25.52 17.37
N GLU A 622 12.66 -25.67 18.56
CA GLU A 622 12.23 -25.65 19.96
C GLU A 622 10.82 -25.04 20.29
N GLU A 623 10.73 -23.70 20.52
CA GLU A 623 9.52 -22.94 20.92
C GLU A 623 8.28 -23.14 20.01
N HIS A 624 8.47 -23.07 18.68
CA HIS A 624 7.39 -23.21 17.70
C HIS A 624 6.81 -24.62 17.71
N LEU A 625 7.69 -25.63 17.94
CA LEU A 625 7.28 -27.03 18.01
C LEU A 625 6.59 -27.35 19.34
N THR A 626 7.03 -26.72 20.45
CA THR A 626 6.39 -26.94 21.75
C THR A 626 5.12 -26.05 21.73
N THR A 627 4.09 -26.57 21.05
CA THR A 627 2.81 -25.94 20.78
C THR A 627 1.78 -26.03 21.93
N ASN A 628 1.07 -24.89 22.17
CA ASN A 628 0.00 -24.81 23.17
C ASN A 628 -1.32 -25.31 22.49
N GLY A 629 -1.25 -25.50 21.16
CA GLY A 629 -2.36 -25.97 20.31
C GLY A 629 -3.18 -24.87 19.67
N TYR A 630 -3.21 -23.71 20.36
CA TYR A 630 -3.94 -22.50 20.03
C TYR A 630 -3.03 -21.32 20.25
N ARG A 631 -3.31 -20.25 19.50
CA ARG A 631 -2.62 -18.97 19.59
C ARG A 631 -3.61 -17.82 19.35
N LYS A 632 -3.42 -16.70 20.08
CA LYS A 632 -4.31 -15.57 19.88
C LYS A 632 -4.00 -14.86 18.57
N ILE A 633 -5.07 -14.68 17.76
CA ILE A 633 -5.05 -13.98 16.47
C ILE A 633 -4.28 -12.67 16.64
N PRO A 634 -3.30 -12.35 15.79
CA PRO A 634 -2.58 -11.08 15.98
C PRO A 634 -3.55 -9.94 15.79
N GLY A 635 -3.38 -8.89 16.61
CA GLY A 635 -4.23 -7.72 16.63
C GLY A 635 -5.49 -7.99 17.44
N ASP A 636 -5.57 -9.18 18.03
CA ASP A 636 -6.73 -9.54 18.79
C ASP A 636 -6.61 -9.05 20.23
N LYS A 637 -7.53 -8.15 20.57
CA LYS A 637 -7.57 -7.50 21.86
C LYS A 637 -8.73 -7.99 22.77
N CYS A 638 -9.32 -9.17 22.51
CA CYS A 638 -10.39 -9.62 23.40
C CYS A 638 -9.87 -9.93 24.82
N GLN A 639 -10.78 -10.03 25.79
CA GLN A 639 -10.40 -10.35 27.16
C GLN A 639 -11.49 -11.21 27.82
N GLY A 640 -11.10 -11.94 28.85
CA GLY A 640 -12.02 -12.82 29.56
C GLY A 640 -12.39 -14.01 28.74
N GLY A 641 -13.59 -14.56 28.98
CA GLY A 641 -14.14 -15.72 28.31
C GLY A 641 -13.21 -16.92 28.34
N VAL A 642 -13.14 -17.63 27.19
CA VAL A 642 -12.35 -18.84 26.89
C VAL A 642 -10.82 -18.61 26.77
N ASN A 643 -10.06 -19.69 27.01
CA ASN A 643 -8.60 -19.77 26.95
C ASN A 643 -8.15 -21.25 26.81
N PRO A 644 -7.18 -21.59 25.89
CA PRO A 644 -6.68 -22.99 25.78
C PRO A 644 -6.03 -23.52 27.10
N VAL A 645 -6.85 -24.23 27.95
CA VAL A 645 -6.43 -24.80 29.25
C VAL A 645 -5.59 -26.12 29.04
N ARG A 646 -4.33 -25.93 28.60
CA ARG A 646 -3.36 -27.00 28.32
C ARG A 646 -1.88 -26.52 28.37
N GLU A 647 -0.98 -27.45 28.76
CA GLU A 647 0.49 -27.31 28.92
C GLU A 647 1.22 -27.11 27.55
N VAL A 648 2.38 -26.41 27.59
CA VAL A 648 3.24 -26.17 26.41
C VAL A 648 3.95 -27.53 26.02
N LYS A 649 3.26 -28.37 25.19
CA LYS A 649 3.74 -29.71 24.75
C LYS A 649 4.58 -29.70 23.45
N ASP A 650 5.76 -30.40 23.52
CA ASP A 650 6.79 -30.64 22.49
C ASP A 650 6.30 -31.64 21.42
N LEU A 651 6.75 -31.49 20.13
CA LEU A 651 6.30 -32.38 19.04
C LEU A 651 7.42 -33.10 18.24
N LYS A 652 8.73 -32.82 18.53
CA LYS A 652 9.90 -33.45 17.86
C LYS A 652 10.07 -34.91 18.33
N LYS A 653 8.95 -35.64 18.33
CA LYS A 653 8.78 -37.01 18.71
C LYS A 653 7.73 -37.57 17.76
N LYS A 654 6.63 -36.82 17.50
CA LYS A 654 5.55 -37.26 16.60
C LYS A 654 6.03 -37.47 15.14
N CYS A 655 7.00 -36.66 14.67
CA CYS A 655 7.58 -36.74 13.33
C CYS A 655 8.59 -37.87 13.28
N THR A 656 9.59 -37.78 14.18
CA THR A 656 10.72 -38.71 14.34
C THR A 656 10.29 -40.12 14.73
N SER A 657 9.01 -40.29 15.16
CA SER A 657 8.46 -41.57 15.60
C SER A 657 8.42 -42.62 14.49
N ASN A 658 8.47 -42.18 13.21
CA ASN A 658 8.46 -43.05 12.02
C ASN A 658 9.86 -43.30 11.47
N PHE A 659 10.75 -42.36 11.67
CA PHE A 659 12.12 -42.46 11.23
C PHE A 659 12.93 -43.43 12.07
N LEU A 660 13.73 -44.29 11.43
CA LEU A 660 14.65 -45.14 12.18
C LEU A 660 15.72 -44.12 12.54
N SER A 661 16.06 -44.06 13.79
CA SER A 661 17.00 -43.07 14.26
C SER A 661 18.36 -43.67 14.55
N PRO A 662 19.44 -42.93 14.21
CA PRO A 662 20.78 -43.40 14.57
C PRO A 662 21.07 -43.20 16.08
N GLU A 663 22.21 -43.75 16.54
CA GLU A 663 22.67 -43.68 17.94
C GLU A 663 22.92 -42.25 18.44
#